data_8ZN8
#
_entry.id   8ZN8
#
_cell.length_a   126.748
_cell.length_b   126.748
_cell.length_c   177.949
_cell.angle_alpha   90.00
_cell.angle_beta   90.00
_cell.angle_gamma   90.00
#
_symmetry.space_group_name_H-M   'I 4'
#
loop_
_entity.id
_entity.type
_entity.pdbx_description
1 polymer Ferritin
2 non-polymer 'CADMIUM ION'
3 non-polymer 'HYDROSULFURIC ACID'
4 non-polymer 'MAGNESIUM ION'
5 non-polymer 'SULFATE ION'
6 water water
#
_entity_poly.entity_id   1
_entity_poly.type   'polypeptide(L)'
_entity_poly.pdbx_seq_one_letter_code
;ASQVRQNYHEDAEASINKQINMCLYASYVYLSMAYYFERDDVALPGFAKFFKESSDCCREHAQTFMKYQNKRGGRIVLQQ
IAAPSMQEWGTGLEALQAALDLEKQVNQSLLELHSTASGNNDPHLTKLLEDEYLEEQVDSIKKIGDMITKLKRAGPTGLG
EYMFDKELN
;
_entity_poly.pdbx_strand_id   A,B,C,D,E,F
#
loop_
_chem_comp.id
_chem_comp.type
_chem_comp.name
_chem_comp.formula
CD non-polymer 'CADMIUM ION' 'Cd 2'
H2S non-polymer 'HYDROSULFURIC ACID' 'H2 S'
MG non-polymer 'MAGNESIUM ION' 'Mg 2'
SO4 non-polymer 'SULFATE ION' 'O4 S -2'
#
# COMPACT_ATOMS: atom_id res chain seq x y z
N ALA A 1 38.95 3.40 -3.56
CA ALA A 1 38.15 3.88 -2.45
C ALA A 1 38.73 5.15 -1.82
N SER A 2 38.33 5.42 -0.59
CA SER A 2 38.83 6.58 0.13
C SER A 2 40.26 6.33 0.56
N GLN A 3 41.07 7.39 0.53
CA GLN A 3 42.40 7.32 1.11
C GLN A 3 42.36 7.26 2.63
N VAL A 4 41.23 7.53 3.26
CA VAL A 4 41.13 7.52 4.72
C VAL A 4 40.35 6.33 5.27
N ARG A 5 39.58 5.62 4.43
CA ARG A 5 38.69 4.58 4.92
C ARG A 5 39.48 3.40 5.50
N GLN A 6 39.10 2.96 6.70
CA GLN A 6 39.75 1.81 7.35
C GLN A 6 38.78 1.20 8.37
N ASN A 7 38.52 -0.10 8.23
CA ASN A 7 37.65 -0.82 9.16
C ASN A 7 36.23 -0.25 9.24
N TYR A 8 35.69 0.18 8.10
CA TYR A 8 34.39 0.84 8.05
C TYR A 8 33.49 0.08 7.08
N HIS A 9 32.62 -0.76 7.61
CA HIS A 9 31.88 -1.70 6.79
C HIS A 9 30.78 -0.98 6.03
N GLU A 10 30.44 -1.50 4.86
CA GLU A 10 29.43 -0.85 4.03
C GLU A 10 28.07 -0.80 4.72
N ASP A 11 27.73 -1.80 5.54
CA ASP A 11 26.43 -1.74 6.18
C ASP A 11 26.38 -0.71 7.31
N ALA A 12 27.52 -0.39 7.92
CA ALA A 12 27.56 0.76 8.83
C ALA A 12 27.37 2.06 8.06
N GLU A 13 28.02 2.18 6.90
CA GLU A 13 27.86 3.37 6.07
C GLU A 13 26.39 3.63 5.75
N ALA A 14 25.69 2.59 5.27
CA ALA A 14 24.28 2.75 4.90
C ALA A 14 23.42 3.03 6.14
N SER A 15 23.73 2.39 7.26
CA SER A 15 22.96 2.62 8.47
C SER A 15 23.11 4.06 8.97
N ILE A 16 24.31 4.63 8.86
CA ILE A 16 24.48 6.03 9.22
C ILE A 16 23.59 6.90 8.36
N ASN A 17 23.53 6.64 7.05
CA ASN A 17 22.70 7.47 6.17
C ASN A 17 21.23 7.36 6.53
N LYS A 18 20.75 6.17 6.93
CA LYS A 18 19.37 6.11 7.39
C LYS A 18 19.18 6.83 8.72
N GLN A 19 20.17 6.75 9.62
CA GLN A 19 20.04 7.45 10.89
C GLN A 19 20.02 8.96 10.68
N ILE A 20 20.81 9.47 9.73
CA ILE A 20 20.77 10.90 9.41
C ILE A 20 19.36 11.32 9.02
N ASN A 21 18.70 10.52 8.17
CA ASN A 21 17.34 10.85 7.76
C ASN A 21 16.37 10.79 8.93
N MET A 22 16.51 9.79 9.79
CA MET A 22 15.61 9.68 10.92
C MET A 22 15.69 10.91 11.83
N CYS A 23 16.90 11.40 12.07
CA CYS A 23 16.97 12.56 12.96
C CYS A 23 16.50 13.84 12.28
N LEU A 24 16.73 13.97 10.96
CA LEU A 24 16.14 15.10 10.25
C LEU A 24 14.63 15.05 10.32
N TYR A 25 14.04 13.86 10.17
CA TYR A 25 12.60 13.73 10.27
C TYR A 25 12.10 14.12 11.65
N ALA A 26 12.71 13.56 12.70
CA ALA A 26 12.34 13.94 14.07
C ALA A 26 12.44 15.43 14.27
N SER A 27 13.49 16.06 13.73
CA SER A 27 13.62 17.50 13.81
C SER A 27 12.43 18.21 13.17
N TYR A 28 12.04 17.77 11.98
CA TYR A 28 10.87 18.31 11.29
C TYR A 28 9.62 18.17 12.14
N VAL A 29 9.41 16.99 12.71
CA VAL A 29 8.25 16.75 13.56
C VAL A 29 8.23 17.72 14.74
N TYR A 30 9.38 17.94 15.36
CA TYR A 30 9.46 18.88 16.48
C TYR A 30 9.20 20.31 16.02
N LEU A 31 9.70 20.68 14.84
CA LEU A 31 9.44 22.01 14.31
C LEU A 31 7.96 22.22 14.08
N SER A 32 7.28 21.19 13.58
CA SER A 32 5.84 21.27 13.39
C SER A 32 5.13 21.50 14.72
N MET A 33 5.49 20.72 15.74
CA MET A 33 4.93 20.91 17.08
C MET A 33 5.18 22.32 17.59
N ALA A 34 6.41 22.82 17.41
CA ALA A 34 6.76 24.11 18.00
C ALA A 34 5.86 25.23 17.50
N TYR A 35 5.58 25.26 16.20
CA TYR A 35 4.78 26.34 15.63
C TYR A 35 3.29 26.09 15.80
N TYR A 36 2.89 24.85 16.01
CA TYR A 36 1.51 24.60 16.41
C TYR A 36 1.20 25.26 17.75
N PHE A 37 2.08 25.07 18.75
CA PHE A 37 1.85 25.62 20.08
C PHE A 37 1.99 27.13 20.14
N GLU A 38 2.44 27.78 19.07
CA GLU A 38 2.45 29.23 18.95
C GLU A 38 1.24 29.77 18.20
N ARG A 39 0.32 28.91 17.76
CA ARG A 39 -0.93 29.36 17.16
C ARG A 39 -1.71 30.21 18.17
N ASP A 40 -2.42 31.22 17.66
CA ASP A 40 -3.15 32.12 18.55
C ASP A 40 -4.26 31.40 19.30
N ASP A 41 -4.83 30.34 18.72
CA ASP A 41 -5.87 29.54 19.36
C ASP A 41 -5.30 28.37 20.17
N VAL A 42 -3.97 28.31 20.35
CA VAL A 42 -3.34 27.32 21.22
C VAL A 42 -2.58 28.04 22.34
N ALA A 43 -1.55 28.81 21.96
CA ALA A 43 -0.85 29.76 22.85
C ALA A 43 -0.29 29.08 24.09
N LEU A 44 0.62 28.14 23.86
CA LEU A 44 1.34 27.46 24.93
C LEU A 44 2.82 27.72 24.68
N PRO A 45 3.30 28.91 25.03
CA PRO A 45 4.71 29.25 24.73
C PRO A 45 5.73 28.33 25.38
N GLY A 46 5.46 27.80 26.58
CA GLY A 46 6.39 26.85 27.18
C GLY A 46 6.55 25.60 26.34
N PHE A 47 5.44 25.02 25.91
CA PHE A 47 5.52 23.87 25.02
C PHE A 47 6.22 24.24 23.72
N ALA A 48 5.96 25.44 23.21
CA ALA A 48 6.56 25.82 21.93
C ALA A 48 8.08 25.87 22.03
N LYS A 49 8.58 26.51 23.09
CA LYS A 49 10.03 26.60 23.30
C LYS A 49 10.65 25.23 23.55
N PHE A 50 9.95 24.35 24.28
CA PHE A 50 10.52 23.03 24.54
C PHE A 50 10.70 22.24 23.24
N PHE A 51 9.69 22.28 22.36
CA PHE A 51 9.78 21.52 21.11
C PHE A 51 10.72 22.18 20.11
N LYS A 52 10.83 23.50 20.11
CA LYS A 52 11.80 24.15 19.24
C LYS A 52 13.23 23.77 19.65
N GLU A 53 13.49 23.65 20.96
CA GLU A 53 14.79 23.17 21.42
C GLU A 53 15.03 21.74 20.95
N SER A 54 14.00 20.89 21.05
CA SER A 54 14.16 19.50 20.60
C SER A 54 14.38 19.43 19.08
N SER A 55 13.78 20.34 18.32
CA SER A 55 14.01 20.36 16.88
C SER A 55 15.47 20.65 16.56
N ASP A 56 16.03 21.67 17.22
CA ASP A 56 17.45 22.01 17.00
C ASP A 56 18.36 20.88 17.42
N CYS A 57 18.06 20.26 18.57
CA CYS A 57 18.85 19.14 19.04
C CYS A 57 18.89 18.02 18.00
N CYS A 58 17.74 17.66 17.44
CA CYS A 58 17.72 16.59 16.45
C CYS A 58 18.47 16.99 15.17
N ARG A 59 18.41 18.26 14.80
CA ARG A 59 19.17 18.69 13.64
C ARG A 59 20.66 18.58 13.88
N GLU A 60 21.15 18.90 15.10
CA GLU A 60 22.56 18.68 15.37
C GLU A 60 22.91 17.19 15.42
N HIS A 61 22.01 16.34 15.91
CA HIS A 61 22.28 14.90 15.86
C HIS A 61 22.57 14.45 14.43
N ALA A 62 21.79 14.97 13.48
CA ALA A 62 21.97 14.60 12.08
C ALA A 62 23.26 15.17 11.53
N GLN A 63 23.58 16.42 11.86
CA GLN A 63 24.83 16.99 11.37
C GLN A 63 26.06 16.29 11.96
N THR A 64 25.96 15.78 13.20
CA THR A 64 27.07 15.04 13.78
C THR A 64 27.32 13.73 13.01
N PHE A 65 26.25 13.04 12.61
CA PHE A 65 26.40 11.84 11.80
C PHE A 65 26.97 12.15 10.42
N MET A 66 26.60 13.29 9.83
CA MET A 66 27.17 13.63 8.52
C MET A 66 28.67 13.85 8.63
N LYS A 67 29.09 14.62 9.63
CA LYS A 67 30.51 14.79 9.91
C LYS A 67 31.20 13.45 10.10
N TYR A 68 30.56 12.55 10.85
CA TYR A 68 31.16 11.25 11.11
C TYR A 68 31.36 10.46 9.82
N GLN A 69 30.32 10.42 8.98
CA GLN A 69 30.42 9.79 7.67
C GLN A 69 31.64 10.30 6.91
N ASN A 70 31.86 11.63 6.92
CA ASN A 70 33.01 12.18 6.20
C ASN A 70 34.31 11.81 6.90
N LYS A 71 34.29 11.74 8.24
CA LYS A 71 35.50 11.43 8.99
C LYS A 71 36.00 10.02 8.68
N ARG A 72 35.08 9.06 8.53
CA ARG A 72 35.43 7.66 8.27
C ARG A 72 35.62 7.37 6.79
N GLY A 73 35.35 8.33 5.91
CA GLY A 73 35.55 8.12 4.50
C GLY A 73 34.40 7.49 3.77
N GLY A 74 33.22 7.43 4.38
CA GLY A 74 32.02 7.05 3.68
C GLY A 74 31.39 8.25 2.97
N ARG A 75 30.31 7.98 2.23
CA ARG A 75 29.67 9.02 1.44
C ARG A 75 28.27 9.31 1.96
N ILE A 76 28.01 10.59 2.25
CA ILE A 76 26.69 11.03 2.66
C ILE A 76 25.71 10.90 1.51
N VAL A 77 24.52 10.37 1.79
CA VAL A 77 23.46 10.28 0.82
C VAL A 77 22.20 10.80 1.50
N LEU A 78 21.76 11.99 1.10
CA LEU A 78 20.57 12.58 1.68
C LEU A 78 19.34 12.08 0.93
N GLN A 79 18.28 11.81 1.69
CA GLN A 79 17.00 11.36 1.17
C GLN A 79 15.94 12.41 1.50
N GLN A 80 14.79 12.30 0.83
CA GLN A 80 13.65 13.15 1.15
C GLN A 80 13.30 13.06 2.64
N ILE A 81 12.78 14.16 3.17
CA ILE A 81 12.36 14.25 4.56
C ILE A 81 10.84 14.32 4.57
N ALA A 82 10.19 13.21 4.89
CA ALA A 82 8.73 13.17 4.92
C ALA A 82 8.15 14.23 5.85
N ALA A 83 7.01 14.78 5.46
CA ALA A 83 6.28 15.67 6.36
C ALA A 83 5.66 14.87 7.50
N PRO A 84 5.52 15.47 8.68
CA PRO A 84 4.74 14.82 9.75
C PRO A 84 3.34 14.50 9.25
N SER A 85 2.87 13.29 9.56
CA SER A 85 1.60 12.84 9.01
C SER A 85 0.42 13.62 9.61
N MET A 86 0.39 13.77 10.93
CA MET A 86 -0.59 14.61 11.60
C MET A 86 0.14 15.87 12.09
N GLN A 87 -0.35 17.04 11.68
CA GLN A 87 0.26 18.31 12.06
C GLN A 87 -0.60 19.13 13.02
N GLU A 88 -1.76 18.64 13.42
CA GLU A 88 -2.53 19.23 14.51
C GLU A 88 -2.35 18.32 15.72
N TRP A 89 -1.55 18.77 16.68
CA TRP A 89 -1.06 17.88 17.71
C TRP A 89 -1.98 17.76 18.91
N GLY A 90 -3.05 18.56 18.99
CA GLY A 90 -3.99 18.40 20.07
C GLY A 90 -3.52 19.10 21.33
N THR A 91 -3.62 18.41 22.47
CA THR A 91 -3.23 18.99 23.74
C THR A 91 -1.72 18.85 23.97
N GLY A 92 -1.20 19.61 24.94
CA GLY A 92 0.21 19.48 25.29
C GLY A 92 0.58 18.10 25.78
N LEU A 93 -0.37 17.43 26.46
CA LEU A 93 -0.13 16.05 26.89
C LEU A 93 0.02 15.13 25.68
N GLU A 94 -0.87 15.25 24.69
CA GLU A 94 -0.81 14.37 23.52
C GLU A 94 0.48 14.56 22.75
N ALA A 95 0.99 15.80 22.72
CA ALA A 95 2.25 16.06 22.04
C ALA A 95 3.43 15.44 22.80
N LEU A 96 3.39 15.47 24.13
CA LEU A 96 4.43 14.82 24.91
C LEU A 96 4.43 13.31 24.72
N GLN A 97 3.23 12.70 24.67
CA GLN A 97 3.14 11.27 24.43
C GLN A 97 3.70 10.89 23.06
N ALA A 98 3.35 11.66 22.02
CA ALA A 98 3.95 11.44 20.70
C ALA A 98 5.46 11.60 20.75
N ALA A 99 5.96 12.66 21.41
CA ALA A 99 7.39 12.87 21.51
C ALA A 99 8.07 11.71 22.24
N LEU A 100 7.46 11.21 23.30
CA LEU A 100 8.03 10.07 24.00
C LEU A 100 8.15 8.86 23.08
N ASP A 101 7.11 8.59 22.28
CA ASP A 101 7.18 7.48 21.33
C ASP A 101 8.23 7.73 20.25
N LEU A 102 8.32 8.96 19.73
CA LEU A 102 9.36 9.26 18.75
C LEU A 102 10.76 9.03 19.31
N GLU A 103 11.02 9.45 20.55
CA GLU A 103 12.35 9.29 21.12
C GLU A 103 12.68 7.81 21.39
N LYS A 104 11.69 7.01 21.80
CA LYS A 104 11.92 5.58 21.98
C LYS A 104 12.24 4.90 20.66
N GLN A 105 11.56 5.33 19.58
CA GLN A 105 11.82 4.81 18.24
C GLN A 105 13.26 5.10 17.80
N VAL A 106 13.73 6.33 18.04
CA VAL A 106 15.10 6.70 17.73
C VAL A 106 16.09 5.89 18.56
N ASN A 107 15.80 5.73 19.85
CA ASN A 107 16.66 4.92 20.72
C ASN A 107 16.77 3.48 20.19
N GLN A 108 15.63 2.86 19.86
CA GLN A 108 15.68 1.49 19.36
C GLN A 108 16.52 1.40 18.10
N SER A 109 16.36 2.34 17.18
CA SER A 109 17.18 2.36 15.97
C SER A 109 18.67 2.59 16.30
N LEU A 110 18.96 3.46 17.28
CA LEU A 110 20.36 3.63 17.68
C LEU A 110 20.93 2.36 18.30
N LEU A 111 20.12 1.62 19.08
CA LEU A 111 20.61 0.37 19.67
C LEU A 111 20.83 -0.69 18.61
N GLU A 112 19.97 -0.73 17.58
CA GLU A 112 20.19 -1.63 16.44
C GLU A 112 21.54 -1.37 15.79
N LEU A 113 21.84 -0.08 15.57
CA LEU A 113 23.09 0.31 14.91
C LEU A 113 24.32 -0.01 15.76
N HIS A 114 24.20 0.09 17.08
CA HIS A 114 25.30 -0.33 17.95
C HIS A 114 25.55 -1.83 17.82
N SER A 115 24.49 -2.63 17.73
CA SER A 115 24.66 -4.07 17.53
C SER A 115 25.29 -4.37 16.17
N THR A 116 24.86 -3.68 15.12
CA THR A 116 25.50 -3.78 13.81
C THR A 116 27.00 -3.49 13.89
N ALA A 117 27.36 -2.32 14.45
CA ALA A 117 28.76 -1.94 14.55
C ALA A 117 29.55 -2.92 15.42
N SER A 118 28.94 -3.41 16.50
CA SER A 118 29.63 -4.36 17.34
C SER A 118 29.85 -5.69 16.61
N GLY A 119 28.91 -6.08 15.74
CA GLY A 119 29.06 -7.33 15.00
C GLY A 119 30.22 -7.30 14.02
N ASN A 120 30.42 -6.16 13.36
CA ASN A 120 31.55 -5.98 12.45
C ASN A 120 32.82 -5.50 13.16
N ASN A 121 32.85 -5.55 14.50
CA ASN A 121 33.95 -5.06 15.33
C ASN A 121 34.47 -3.68 14.88
N ASP A 122 33.57 -2.69 14.99
CA ASP A 122 33.91 -1.29 14.76
C ASP A 122 33.85 -0.54 16.09
N PRO A 123 34.93 -0.59 16.89
CA PRO A 123 34.88 0.08 18.20
C PRO A 123 34.81 1.59 18.11
N HIS A 124 35.27 2.18 17.01
CA HIS A 124 35.16 3.62 16.86
C HIS A 124 33.70 4.04 16.71
N LEU A 125 32.91 3.26 15.96
CA LEU A 125 31.49 3.58 15.81
C LEU A 125 30.72 3.29 17.10
N THR A 126 31.01 2.17 17.77
CA THR A 126 30.29 1.89 19.01
C THR A 126 30.55 2.98 20.04
N LYS A 127 31.78 3.49 20.08
CA LYS A 127 32.12 4.57 21.00
C LYS A 127 31.36 5.85 20.67
N LEU A 128 31.35 6.25 19.40
CA LEU A 128 30.54 7.40 19.00
C LEU A 128 29.09 7.25 19.46
N LEU A 129 28.51 6.06 19.27
CA LEU A 129 27.11 5.89 19.64
C LEU A 129 26.92 6.01 21.15
N GLU A 130 27.86 5.47 21.95
CA GLU A 130 27.72 5.52 23.40
C GLU A 130 27.90 6.94 23.94
N ASP A 131 28.87 7.69 23.41
CA ASP A 131 29.21 8.98 23.97
C ASP A 131 28.24 10.07 23.53
N GLU A 132 27.76 10.04 22.28
CA GLU A 132 27.07 11.15 21.67
C GLU A 132 25.58 10.92 21.45
N TYR A 133 25.10 9.68 21.56
CA TYR A 133 23.71 9.44 21.23
C TYR A 133 22.99 8.66 22.33
N LEU A 134 23.54 7.53 22.74
CA LEU A 134 22.80 6.65 23.63
C LEU A 134 22.51 7.32 24.96
N GLU A 135 23.50 8.03 25.52
CA GLU A 135 23.30 8.66 26.83
C GLU A 135 22.26 9.77 26.77
N GLU A 136 22.26 10.57 25.69
CA GLU A 136 21.27 11.64 25.63
C GLU A 136 19.88 11.13 25.24
N GLN A 137 19.78 10.01 24.52
CA GLN A 137 18.45 9.46 24.26
C GLN A 137 17.79 9.06 25.57
N VAL A 138 18.54 8.38 26.44
CA VAL A 138 18.00 7.91 27.71
C VAL A 138 17.61 9.11 28.59
N ASP A 139 18.35 10.22 28.48
CA ASP A 139 18.03 11.39 29.29
C ASP A 139 16.80 12.11 28.75
N SER A 140 16.64 12.17 27.43
CA SER A 140 15.44 12.73 26.85
C SER A 140 14.20 11.94 27.27
N ILE A 141 14.27 10.62 27.14
CA ILE A 141 13.14 9.76 27.47
C ILE A 141 12.74 9.92 28.94
N LYS A 142 13.71 9.98 29.84
CA LYS A 142 13.43 10.20 31.26
C LYS A 142 12.85 11.59 31.50
N LYS A 143 13.39 12.61 30.83
CA LYS A 143 12.85 13.95 30.97
C LYS A 143 11.38 14.02 30.53
N ILE A 144 11.06 13.43 29.36
CA ILE A 144 9.68 13.48 28.89
C ILE A 144 8.76 12.69 29.83
N GLY A 145 9.20 11.51 30.27
CA GLY A 145 8.44 10.76 31.27
C GLY A 145 8.12 11.61 32.50
N ASP A 146 9.13 12.27 33.06
CA ASP A 146 8.91 13.16 34.20
C ASP A 146 7.85 14.21 33.88
N MET A 147 7.94 14.81 32.69
CA MET A 147 7.01 15.87 32.30
C MET A 147 5.58 15.36 32.19
N ILE A 148 5.40 14.18 31.59
CA ILE A 148 4.06 13.61 31.47
C ILE A 148 3.43 13.41 32.84
N THR A 149 4.20 12.87 33.79
CA THR A 149 3.69 12.67 35.15
C THR A 149 3.33 14.00 35.82
N LYS A 150 4.20 15.00 35.67
CA LYS A 150 3.91 16.31 36.26
C LYS A 150 2.68 16.94 35.62
N LEU A 151 2.53 16.79 34.31
CA LEU A 151 1.38 17.40 33.63
C LEU A 151 0.09 16.73 34.05
N LYS A 152 0.09 15.40 34.21
CA LYS A 152 -1.11 14.70 34.69
C LYS A 152 -1.46 15.08 36.12
N ARG A 153 -0.46 15.35 36.96
CA ARG A 153 -0.75 15.82 38.31
C ARG A 153 -1.34 17.23 38.28
N ALA A 154 -0.66 18.16 37.60
CA ALA A 154 -1.14 19.53 37.53
C ALA A 154 -2.49 19.62 36.83
N GLY A 155 -2.66 18.92 35.72
CA GLY A 155 -3.83 19.11 34.87
C GLY A 155 -4.58 17.82 34.62
N PRO A 156 -4.53 17.31 33.38
CA PRO A 156 -3.67 17.86 32.30
C PRO A 156 -4.29 18.95 31.40
N THR A 157 -5.48 19.44 31.71
CA THR A 157 -6.12 20.50 30.95
C THR A 157 -6.36 21.71 31.84
N GLY A 158 -6.75 22.83 31.21
CA GLY A 158 -7.23 23.98 31.97
C GLY A 158 -6.13 24.70 32.73
N LEU A 159 -6.47 25.11 33.97
CA LEU A 159 -5.54 25.89 34.78
C LEU A 159 -4.26 25.12 35.06
N GLY A 160 -4.36 23.81 35.28
CA GLY A 160 -3.16 23.00 35.45
C GLY A 160 -2.22 23.06 34.26
N GLU A 161 -2.76 22.92 33.05
CA GLU A 161 -1.91 23.01 31.86
C GLU A 161 -1.29 24.39 31.75
N TYR A 162 -2.06 25.43 32.08
CA TYR A 162 -1.56 26.80 31.99
C TYR A 162 -0.38 27.00 32.94
N MET A 163 -0.46 26.42 34.15
CA MET A 163 0.64 26.55 35.11
C MET A 163 1.82 25.67 34.75
N PHE A 164 1.58 24.44 34.28
CA PHE A 164 2.69 23.61 33.82
C PHE A 164 3.43 24.28 32.68
N ASP A 165 2.68 24.88 31.74
CA ASP A 165 3.31 25.58 30.62
C ASP A 165 4.22 26.71 31.09
N LYS A 166 3.87 27.37 32.20
CA LYS A 166 4.70 28.47 32.70
C LYS A 166 6.02 27.97 33.26
N GLU A 167 6.04 26.76 33.83
CA GLU A 167 7.31 26.21 34.28
C GLU A 167 8.22 25.85 33.12
N LEU A 168 7.63 25.41 32.02
CA LEU A 168 8.42 25.07 30.83
C LEU A 168 9.05 26.30 30.18
N ASN A 169 8.52 27.48 30.46
CA ASN A 169 8.96 28.71 29.81
C ASN A 169 10.02 29.46 30.62
N ALA B 1 12.52 -45.71 0.93
CA ALA B 1 11.11 -45.31 0.96
C ALA B 1 10.62 -44.95 -0.45
N SER B 2 10.32 -43.66 -0.64
CA SER B 2 9.72 -43.19 -1.89
C SER B 2 10.79 -42.94 -2.96
N GLN B 3 10.59 -43.55 -4.12
CA GLN B 3 11.52 -43.35 -5.23
C GLN B 3 11.51 -41.90 -5.74
N VAL B 4 10.50 -41.10 -5.42
CA VAL B 4 10.43 -39.73 -5.90
C VAL B 4 10.97 -38.74 -4.89
N ARG B 5 11.10 -39.12 -3.60
CA ARG B 5 11.34 -38.15 -2.53
C ARG B 5 12.73 -37.53 -2.63
N GLN B 6 12.78 -36.21 -2.54
CA GLN B 6 14.07 -35.51 -2.59
C GLN B 6 13.95 -34.15 -1.91
N ASN B 7 14.80 -33.91 -0.90
CA ASN B 7 14.82 -32.64 -0.18
C ASN B 7 13.49 -32.34 0.52
N TYR B 8 12.80 -33.38 0.98
CA TYR B 8 11.47 -33.24 1.59
C TYR B 8 11.57 -33.69 3.04
N HIS B 9 11.59 -32.74 3.97
CA HIS B 9 11.88 -33.06 5.35
C HIS B 9 10.62 -33.60 6.05
N GLU B 10 10.82 -34.55 6.96
CA GLU B 10 9.68 -35.12 7.68
C GLU B 10 8.91 -34.07 8.48
N ASP B 11 9.60 -32.99 8.89
CA ASP B 11 8.95 -31.82 9.50
C ASP B 11 7.84 -31.28 8.60
N ALA B 12 8.21 -30.99 7.34
CA ALA B 12 7.23 -30.50 6.39
C ALA B 12 6.11 -31.49 6.20
N GLU B 13 6.46 -32.77 6.05
CA GLU B 13 5.45 -33.79 5.76
C GLU B 13 4.41 -33.85 6.86
N ALA B 14 4.84 -33.77 8.12
CA ALA B 14 3.90 -33.80 9.24
C ALA B 14 3.06 -32.52 9.30
N SER B 15 3.68 -31.36 9.06
CA SER B 15 2.94 -30.11 9.06
C SER B 15 1.89 -30.09 7.96
N ILE B 16 2.23 -30.59 6.78
CA ILE B 16 1.25 -30.69 5.71
C ILE B 16 0.06 -31.52 6.14
N ASN B 17 0.30 -32.63 6.87
CA ASN B 17 -0.81 -33.47 7.31
C ASN B 17 -1.70 -32.75 8.32
N LYS B 18 -1.12 -31.96 9.23
CA LYS B 18 -1.97 -31.17 10.14
C LYS B 18 -2.74 -30.10 9.38
N GLN B 19 -2.12 -29.45 8.41
CA GLN B 19 -2.81 -28.40 7.68
C GLN B 19 -3.98 -28.95 6.87
N ILE B 20 -3.87 -30.19 6.38
CA ILE B 20 -5.00 -30.83 5.70
C ILE B 20 -6.18 -30.97 6.64
N ASN B 21 -5.93 -31.41 7.88
CA ASN B 21 -7.01 -31.55 8.84
C ASN B 21 -7.57 -30.18 9.21
N MET B 22 -6.73 -29.16 9.29
CA MET B 22 -7.22 -27.84 9.65
C MET B 22 -8.16 -27.29 8.58
N CYS B 23 -7.84 -27.52 7.29
CA CYS B 23 -8.72 -27.03 6.25
C CYS B 23 -9.98 -27.90 6.10
N LEU B 24 -9.89 -29.20 6.40
CA LEU B 24 -11.11 -30.01 6.44
C LEU B 24 -12.03 -29.53 7.56
N TYR B 25 -11.47 -29.21 8.71
CA TYR B 25 -12.28 -28.74 9.84
C TYR B 25 -12.96 -27.42 9.51
N ALA B 26 -12.19 -26.45 8.98
CA ALA B 26 -12.76 -25.17 8.56
C ALA B 26 -13.86 -25.36 7.52
N SER B 27 -13.64 -26.26 6.58
CA SER B 27 -14.68 -26.58 5.60
C SER B 27 -15.96 -27.04 6.30
N TYR B 28 -15.81 -27.91 7.31
CA TYR B 28 -16.95 -28.42 8.06
C TYR B 28 -17.63 -27.30 8.84
N VAL B 29 -16.86 -26.39 9.44
CA VAL B 29 -17.45 -25.26 10.15
C VAL B 29 -18.27 -24.39 9.20
N TYR B 30 -17.74 -24.12 8.00
CA TYR B 30 -18.47 -23.32 7.02
C TYR B 30 -19.75 -24.02 6.58
N LEU B 31 -19.69 -25.34 6.40
CA LEU B 31 -20.89 -26.10 6.05
C LEU B 31 -21.97 -25.96 7.11
N SER B 32 -21.58 -26.05 8.39
CA SER B 32 -22.53 -25.85 9.49
C SER B 32 -23.16 -24.46 9.44
N MET B 33 -22.34 -23.43 9.23
CA MET B 33 -22.85 -22.07 9.07
C MET B 33 -23.82 -21.97 7.90
N ALA B 34 -23.45 -22.56 6.75
CA ALA B 34 -24.26 -22.44 5.56
C ALA B 34 -25.69 -22.95 5.80
N TYR B 35 -25.82 -24.14 6.38
CA TYR B 35 -27.17 -24.65 6.59
C TYR B 35 -27.86 -24.02 7.80
N TYR B 36 -27.10 -23.45 8.74
CA TYR B 36 -27.75 -22.65 9.79
C TYR B 36 -28.52 -21.47 9.21
N PHE B 37 -27.94 -20.78 8.21
CA PHE B 37 -28.60 -19.62 7.62
C PHE B 37 -29.71 -19.99 6.63
N GLU B 38 -29.89 -21.28 6.33
CA GLU B 38 -31.01 -21.76 5.52
C GLU B 38 -32.18 -22.24 6.38
N ARG B 39 -32.05 -22.21 7.70
CA ARG B 39 -33.14 -22.60 8.58
C ARG B 39 -34.33 -21.68 8.36
N ASP B 40 -35.54 -22.22 8.54
CA ASP B 40 -36.75 -21.43 8.31
C ASP B 40 -36.85 -20.24 9.27
N ASP B 41 -36.30 -20.34 10.49
CA ASP B 41 -36.34 -19.23 11.44
C ASP B 41 -35.11 -18.31 11.35
N VAL B 42 -34.27 -18.48 10.33
CA VAL B 42 -33.14 -17.59 10.10
C VAL B 42 -33.29 -16.93 8.73
N ALA B 43 -33.26 -17.73 7.67
CA ALA B 43 -33.64 -17.34 6.31
C ALA B 43 -32.81 -16.15 5.81
N LEU B 44 -31.50 -16.36 5.77
CA LEU B 44 -30.55 -15.38 5.25
C LEU B 44 -29.82 -16.04 4.08
N PRO B 45 -30.47 -16.16 2.92
CA PRO B 45 -29.88 -16.93 1.81
C PRO B 45 -28.56 -16.38 1.30
N GLY B 46 -28.32 -15.08 1.44
CA GLY B 46 -27.02 -14.53 1.05
C GLY B 46 -25.88 -15.07 1.90
N PHE B 47 -26.02 -14.98 3.23
CA PHE B 47 -25.01 -15.58 4.12
C PHE B 47 -24.84 -17.07 3.83
N ALA B 48 -25.95 -17.78 3.56
CA ALA B 48 -25.86 -19.22 3.31
C ALA B 48 -24.98 -19.50 2.09
N LYS B 49 -25.24 -18.81 0.98
CA LYS B 49 -24.41 -18.93 -0.22
C LYS B 49 -22.95 -18.60 0.08
N PHE B 50 -22.70 -17.51 0.80
CA PHE B 50 -21.33 -17.11 1.10
C PHE B 50 -20.58 -18.20 1.85
N PHE B 51 -21.18 -18.79 2.88
CA PHE B 51 -20.47 -19.80 3.67
C PHE B 51 -20.38 -21.14 2.94
N LYS B 52 -21.37 -21.46 2.10
CA LYS B 52 -21.24 -22.67 1.30
C LYS B 52 -20.08 -22.55 0.32
N GLU B 53 -19.90 -21.37 -0.28
CA GLU B 53 -18.73 -21.13 -1.12
C GLU B 53 -17.44 -21.23 -0.30
N SER B 54 -17.44 -20.68 0.92
CA SER B 54 -16.28 -20.81 1.79
C SER B 54 -16.00 -22.28 2.15
N SER B 55 -17.06 -23.09 2.30
CA SER B 55 -16.87 -24.50 2.58
C SER B 55 -16.18 -25.21 1.41
N ASP B 56 -16.66 -24.99 0.19
CA ASP B 56 -16.03 -25.63 -0.98
C ASP B 56 -14.59 -25.18 -1.14
N CYS B 57 -14.31 -23.91 -0.84
CA CYS B 57 -12.97 -23.39 -1.03
C CYS B 57 -11.96 -24.06 -0.07
N CYS B 58 -12.32 -24.18 1.21
CA CYS B 58 -11.42 -24.84 2.15
C CYS B 58 -11.23 -26.34 1.84
N ARG B 59 -12.27 -27.00 1.31
CA ARG B 59 -12.09 -28.40 0.92
C ARG B 59 -11.10 -28.53 -0.23
N GLU B 60 -11.13 -27.58 -1.17
CA GLU B 60 -10.16 -27.64 -2.26
C GLU B 60 -8.75 -27.34 -1.75
N HIS B 61 -8.62 -26.48 -0.74
CA HIS B 61 -7.32 -26.27 -0.11
C HIS B 61 -6.76 -27.58 0.45
N ALA B 62 -7.63 -28.39 1.08
CA ALA B 62 -7.16 -29.63 1.68
C ALA B 62 -6.72 -30.63 0.61
N GLN B 63 -7.48 -30.72 -0.49
CA GLN B 63 -7.14 -31.65 -1.56
C GLN B 63 -5.87 -31.22 -2.30
N THR B 64 -5.67 -29.91 -2.48
CA THR B 64 -4.44 -29.44 -3.05
C THR B 64 -3.25 -29.81 -2.18
N PHE B 65 -3.43 -29.80 -0.85
CA PHE B 65 -2.37 -30.27 0.05
C PHE B 65 -2.18 -31.77 -0.05
N MET B 66 -3.25 -32.54 -0.22
CA MET B 66 -3.07 -33.99 -0.37
C MET B 66 -2.36 -34.33 -1.68
N LYS B 67 -2.68 -33.61 -2.77
CA LYS B 67 -1.97 -33.80 -4.01
C LYS B 67 -0.49 -33.51 -3.83
N TYR B 68 -0.17 -32.39 -3.17
CA TYR B 68 1.21 -32.00 -2.94
C TYR B 68 1.97 -33.05 -2.15
N GLN B 69 1.33 -33.61 -1.12
CA GLN B 69 1.97 -34.66 -0.33
C GLN B 69 2.39 -35.84 -1.21
N ASN B 70 1.52 -36.27 -2.13
CA ASN B 70 1.85 -37.35 -3.05
C ASN B 70 2.93 -36.94 -4.05
N LYS B 71 2.84 -35.71 -4.58
CA LYS B 71 3.84 -35.21 -5.52
C LYS B 71 5.24 -35.31 -4.94
N ARG B 72 5.42 -34.91 -3.68
CA ARG B 72 6.74 -34.92 -3.05
C ARG B 72 7.13 -36.28 -2.50
N GLY B 73 6.22 -37.27 -2.52
CA GLY B 73 6.53 -38.58 -1.99
C GLY B 73 6.33 -38.74 -0.50
N GLY B 74 5.70 -37.77 0.19
CA GLY B 74 5.24 -37.98 1.54
C GLY B 74 3.98 -38.84 1.56
N ARG B 75 3.53 -39.17 2.77
CA ARG B 75 2.35 -40.03 2.91
C ARG B 75 1.25 -39.29 3.67
N ILE B 76 0.06 -39.24 3.06
CA ILE B 76 -1.10 -38.61 3.67
C ILE B 76 -1.54 -39.44 4.87
N VAL B 77 -1.79 -38.77 5.98
CA VAL B 77 -2.31 -39.40 7.18
C VAL B 77 -3.52 -38.59 7.61
N LEU B 78 -4.71 -39.19 7.51
CA LEU B 78 -5.97 -38.52 7.81
C LEU B 78 -6.39 -38.83 9.24
N GLN B 79 -6.84 -37.79 9.94
CA GLN B 79 -7.34 -37.90 11.31
C GLN B 79 -8.82 -37.55 11.35
N GLN B 80 -9.42 -37.70 12.53
N GLN B 80 -9.41 -37.71 12.53
CA GLN B 80 -10.80 -37.27 12.77
CA GLN B 80 -10.80 -37.31 12.72
C GLN B 80 -10.97 -35.81 12.39
C GLN B 80 -10.98 -35.82 12.41
N ILE B 81 -12.14 -35.48 11.88
CA ILE B 81 -12.56 -34.10 11.70
C ILE B 81 -13.49 -33.78 12.86
N ALA B 82 -13.03 -32.90 13.75
CA ALA B 82 -13.81 -32.51 14.92
C ALA B 82 -15.14 -31.89 14.49
N ALA B 83 -16.15 -32.12 15.32
CA ALA B 83 -17.43 -31.43 15.14
C ALA B 83 -17.22 -29.93 15.26
N PRO B 84 -17.95 -29.11 14.50
CA PRO B 84 -17.88 -27.66 14.69
C PRO B 84 -18.12 -27.29 16.16
N SER B 85 -17.37 -26.30 16.65
CA SER B 85 -17.49 -25.89 18.04
C SER B 85 -18.90 -25.44 18.38
N MET B 86 -19.61 -24.87 17.40
CA MET B 86 -21.00 -24.42 17.54
C MET B 86 -21.90 -25.17 16.56
N GLN B 87 -23.18 -25.25 16.93
CA GLN B 87 -24.23 -25.65 15.99
C GLN B 87 -25.11 -24.48 15.58
N GLU B 88 -25.18 -23.43 16.39
CA GLU B 88 -25.95 -22.23 16.10
C GLU B 88 -25.00 -21.04 16.09
N TRP B 89 -25.11 -20.20 15.08
CA TRP B 89 -24.11 -19.18 14.83
C TRP B 89 -24.59 -17.76 15.12
N GLY B 90 -25.77 -17.63 15.73
CA GLY B 90 -26.23 -16.31 16.13
C GLY B 90 -26.66 -15.45 14.95
N THR B 91 -26.25 -14.20 14.98
CA THR B 91 -26.57 -13.24 13.92
C THR B 91 -25.58 -13.36 12.77
N GLY B 92 -25.91 -12.69 11.67
CA GLY B 92 -25.00 -12.68 10.53
C GLY B 92 -23.66 -12.07 10.88
N LEU B 93 -23.67 -11.01 11.69
CA LEU B 93 -22.43 -10.38 12.11
C LEU B 93 -21.59 -11.33 12.96
N GLU B 94 -22.20 -12.04 13.90
CA GLU B 94 -21.45 -12.99 14.73
C GLU B 94 -20.82 -14.10 13.90
N ALA B 95 -21.52 -14.58 12.87
CA ALA B 95 -20.93 -15.57 11.99
C ALA B 95 -19.69 -15.02 11.29
N LEU B 96 -19.79 -13.79 10.77
CA LEU B 96 -18.66 -13.20 10.06
C LEU B 96 -17.47 -12.99 10.99
N GLN B 97 -17.71 -12.60 12.25
CA GLN B 97 -16.59 -12.40 13.16
C GLN B 97 -15.91 -13.73 13.49
N ALA B 98 -16.69 -14.81 13.63
CA ALA B 98 -16.10 -16.13 13.81
C ALA B 98 -15.33 -16.58 12.56
N ALA B 99 -15.85 -16.27 11.36
CA ALA B 99 -15.11 -16.58 10.14
C ALA B 99 -13.81 -15.79 10.08
N LEU B 100 -13.85 -14.51 10.44
CA LEU B 100 -12.63 -13.70 10.42
C LEU B 100 -11.57 -14.32 11.33
N ASP B 101 -11.96 -14.72 12.54
CA ASP B 101 -11.02 -15.33 13.48
C ASP B 101 -10.49 -16.66 12.95
N LEU B 102 -11.36 -17.46 12.33
CA LEU B 102 -10.94 -18.73 11.77
C LEU B 102 -9.96 -18.53 10.59
N GLU B 103 -10.22 -17.54 9.73
CA GLU B 103 -9.30 -17.31 8.62
C GLU B 103 -7.94 -16.79 9.10
N LYS B 104 -7.91 -16.03 10.20
CA LYS B 104 -6.64 -15.57 10.73
C LYS B 104 -5.87 -16.70 11.40
N GLN B 105 -6.58 -17.64 12.04
CA GLN B 105 -5.94 -18.83 12.59
C GLN B 105 -5.29 -19.67 11.50
N VAL B 106 -5.99 -19.86 10.38
CA VAL B 106 -5.40 -20.63 9.28
C VAL B 106 -4.18 -19.90 8.70
N ASN B 107 -4.28 -18.57 8.57
CA ASN B 107 -3.16 -17.80 8.03
C ASN B 107 -1.93 -17.92 8.92
N GLN B 108 -2.12 -17.79 10.23
CA GLN B 108 -0.99 -17.93 11.14
C GLN B 108 -0.36 -19.32 11.03
N SER B 109 -1.17 -20.37 10.90
CA SER B 109 -0.66 -21.72 10.71
C SER B 109 0.08 -21.86 9.38
N LEU B 110 -0.42 -21.24 8.32
CA LEU B 110 0.30 -21.27 7.05
C LEU B 110 1.64 -20.57 7.16
N LEU B 111 1.69 -19.44 7.87
CA LEU B 111 2.95 -18.71 8.01
C LEU B 111 3.98 -19.51 8.81
N GLU B 112 3.55 -20.28 9.81
CA GLU B 112 4.45 -21.18 10.50
C GLU B 112 4.95 -22.29 9.58
N LEU B 113 4.06 -22.82 8.74
CA LEU B 113 4.48 -23.80 7.74
C LEU B 113 5.53 -23.22 6.81
N HIS B 114 5.39 -21.95 6.44
CA HIS B 114 6.39 -21.30 5.60
C HIS B 114 7.72 -21.18 6.33
N SER B 115 7.67 -20.85 7.62
CA SER B 115 8.87 -20.79 8.45
C SER B 115 9.59 -22.14 8.51
N THR B 116 8.85 -23.22 8.78
CA THR B 116 9.41 -24.58 8.74
C THR B 116 10.12 -24.85 7.42
N ALA B 117 9.45 -24.56 6.30
CA ALA B 117 10.02 -24.86 4.99
C ALA B 117 11.29 -24.04 4.76
N SER B 118 11.28 -22.77 5.17
CA SER B 118 12.48 -21.94 5.05
C SER B 118 13.62 -22.47 5.92
N GLY B 119 13.29 -22.94 7.12
CA GLY B 119 14.31 -23.50 8.01
C GLY B 119 15.02 -24.69 7.40
N ASN B 120 14.30 -25.54 6.67
CA ASN B 120 14.91 -26.71 6.05
C ASN B 120 15.31 -26.47 4.59
N ASN B 121 15.28 -25.23 4.13
CA ASN B 121 15.64 -24.88 2.75
C ASN B 121 14.90 -25.75 1.74
N ASP B 122 13.57 -25.67 1.81
CA ASP B 122 12.70 -26.34 0.84
C ASP B 122 12.02 -25.29 -0.04
N PRO B 123 12.69 -24.81 -1.08
CA PRO B 123 12.10 -23.72 -1.87
C PRO B 123 10.86 -24.14 -2.65
N HIS B 124 10.74 -25.42 -3.01
CA HIS B 124 9.53 -25.86 -3.68
C HIS B 124 8.31 -25.67 -2.79
N LEU B 125 8.46 -25.92 -1.49
CA LEU B 125 7.32 -25.81 -0.60
C LEU B 125 7.01 -24.34 -0.26
N THR B 126 8.04 -23.51 -0.02
CA THR B 126 7.78 -22.08 0.17
C THR B 126 7.09 -21.48 -1.06
N LYS B 127 7.43 -21.97 -2.25
CA LYS B 127 6.78 -21.50 -3.47
C LYS B 127 5.30 -21.90 -3.50
N LEU B 128 5.00 -23.15 -3.14
CA LEU B 128 3.61 -23.56 -3.06
C LEU B 128 2.82 -22.69 -2.08
N LEU B 129 3.36 -22.47 -0.88
CA LEU B 129 2.61 -21.69 0.12
C LEU B 129 2.37 -20.27 -0.35
N GLU B 130 3.38 -19.63 -0.95
CA GLU B 130 3.21 -18.27 -1.43
C GLU B 130 2.15 -18.19 -2.54
N ASP B 131 2.28 -19.03 -3.57
CA ASP B 131 1.49 -18.85 -4.77
C ASP B 131 0.08 -19.40 -4.68
N GLU B 132 -0.19 -20.36 -3.79
CA GLU B 132 -1.50 -20.98 -3.75
C GLU B 132 -2.27 -20.75 -2.46
N TYR B 133 -1.62 -20.31 -1.38
CA TYR B 133 -2.32 -20.22 -0.10
C TYR B 133 -2.26 -18.84 0.53
N LEU B 134 -1.06 -18.27 0.64
CA LEU B 134 -0.88 -17.05 1.42
C LEU B 134 -1.61 -15.87 0.79
N GLU B 135 -1.48 -15.69 -0.53
CA GLU B 135 -2.13 -14.56 -1.19
C GLU B 135 -3.65 -14.66 -1.06
N GLU B 136 -4.21 -15.84 -1.30
CA GLU B 136 -5.64 -16.02 -1.19
C GLU B 136 -6.12 -15.95 0.27
N GLN B 137 -5.28 -16.35 1.22
CA GLN B 137 -5.60 -16.16 2.63
C GLN B 137 -5.72 -14.68 2.98
N VAL B 138 -4.82 -13.86 2.46
CA VAL B 138 -4.85 -12.43 2.80
C VAL B 138 -6.03 -11.75 2.13
N ASP B 139 -6.46 -12.24 0.96
CA ASP B 139 -7.63 -11.71 0.27
C ASP B 139 -8.92 -12.05 1.00
N SER B 140 -9.04 -13.29 1.51
CA SER B 140 -10.22 -13.65 2.29
C SER B 140 -10.36 -12.81 3.54
N ILE B 141 -9.25 -12.56 4.24
CA ILE B 141 -9.34 -11.80 5.48
C ILE B 141 -9.78 -10.37 5.18
N LYS B 142 -9.27 -9.80 4.08
CA LYS B 142 -9.64 -8.44 3.70
C LYS B 142 -11.10 -8.36 3.30
N LYS B 143 -11.58 -9.33 2.53
CA LYS B 143 -12.97 -9.37 2.12
C LYS B 143 -13.91 -9.49 3.32
N ILE B 144 -13.60 -10.38 4.27
CA ILE B 144 -14.46 -10.51 5.44
C ILE B 144 -14.42 -9.22 6.27
N GLY B 145 -13.25 -8.61 6.38
CA GLY B 145 -13.14 -7.32 7.05
C GLY B 145 -14.02 -6.26 6.40
N ASP B 146 -13.98 -6.19 5.06
CA ASP B 146 -14.89 -5.31 4.32
C ASP B 146 -16.34 -5.59 4.68
N MET B 147 -16.73 -6.88 4.67
CA MET B 147 -18.13 -7.23 4.90
C MET B 147 -18.58 -6.81 6.30
N ILE B 148 -17.75 -7.08 7.30
CA ILE B 148 -18.06 -6.68 8.67
C ILE B 148 -18.32 -5.17 8.73
N THR B 149 -17.46 -4.38 8.06
CA THR B 149 -17.65 -2.94 8.06
C THR B 149 -18.95 -2.55 7.36
N LYS B 150 -19.23 -3.17 6.21
CA LYS B 150 -20.46 -2.87 5.48
C LYS B 150 -21.70 -3.28 6.28
N LEU B 151 -21.63 -4.40 6.99
CA LEU B 151 -22.80 -4.86 7.72
C LEU B 151 -23.04 -4.01 8.96
N LYS B 152 -21.98 -3.51 9.59
CA LYS B 152 -22.16 -2.62 10.74
C LYS B 152 -22.76 -1.28 10.31
N ARG B 153 -22.39 -0.78 9.13
CA ARG B 153 -22.99 0.44 8.59
C ARG B 153 -24.46 0.21 8.26
N ALA B 154 -24.74 -0.83 7.45
CA ALA B 154 -26.11 -1.10 7.01
C ALA B 154 -27.01 -1.42 8.21
N GLY B 155 -26.54 -2.28 9.10
CA GLY B 155 -27.37 -2.85 10.15
C GLY B 155 -26.83 -2.49 11.51
N PRO B 156 -26.33 -3.49 12.26
CA PRO B 156 -26.17 -4.90 11.84
C PRO B 156 -27.42 -5.80 11.90
N THR B 157 -28.57 -5.31 12.37
CA THR B 157 -29.78 -6.13 12.46
C THR B 157 -30.92 -5.51 11.66
N GLY B 158 -32.07 -6.21 11.67
CA GLY B 158 -33.28 -5.70 11.05
C GLY B 158 -33.16 -5.49 9.55
N LEU B 159 -33.75 -4.38 9.08
CA LEU B 159 -33.79 -4.11 7.65
C LEU B 159 -32.39 -3.97 7.06
N GLY B 160 -31.44 -3.42 7.82
CA GLY B 160 -30.09 -3.33 7.32
C GLY B 160 -29.48 -4.69 7.04
N GLU B 161 -29.69 -5.64 7.95
CA GLU B 161 -29.19 -6.99 7.72
C GLU B 161 -29.95 -7.64 6.56
N TYR B 162 -31.25 -7.37 6.46
CA TYR B 162 -32.01 -7.91 5.34
C TYR B 162 -31.49 -7.35 4.02
N MET B 163 -31.17 -6.05 3.98
CA MET B 163 -30.65 -5.46 2.75
C MET B 163 -29.22 -5.91 2.47
N PHE B 164 -28.38 -6.01 3.50
CA PHE B 164 -27.00 -6.47 3.28
C PHE B 164 -26.99 -7.90 2.74
N ASP B 165 -27.89 -8.75 3.25
CA ASP B 165 -27.97 -10.13 2.81
C ASP B 165 -28.20 -10.23 1.31
N LYS B 166 -28.97 -9.27 0.74
CA LYS B 166 -29.29 -9.33 -0.69
C LYS B 166 -28.09 -9.03 -1.57
N GLU B 167 -27.15 -8.22 -1.10
CA GLU B 167 -25.93 -8.01 -1.88
C GLU B 167 -25.05 -9.25 -1.89
N LEU B 168 -25.17 -10.11 -0.88
CA LEU B 168 -24.40 -11.36 -0.88
C LEU B 168 -24.96 -12.42 -1.82
N ASN B 169 -26.25 -12.34 -2.14
CA ASN B 169 -26.92 -13.40 -2.90
C ASN B 169 -26.77 -13.22 -4.42
N ALA C 1 -13.74 30.59 12.58
CA ALA C 1 -12.32 30.51 12.24
C ALA C 1 -11.47 31.36 13.17
N SER C 2 -10.45 32.03 12.60
CA SER C 2 -9.43 32.68 13.41
C SER C 2 -9.92 34.01 13.95
N GLN C 3 -9.73 34.22 15.25
CA GLN C 3 -10.09 35.49 15.87
C GLN C 3 -9.14 36.63 15.51
N VAL C 4 -7.98 36.35 14.90
CA VAL C 4 -7.05 37.41 14.56
C VAL C 4 -7.01 37.70 13.06
N ARG C 5 -7.43 36.77 12.20
CA ARG C 5 -7.26 36.92 10.76
C ARG C 5 -8.03 38.14 10.23
N GLN C 6 -7.33 38.98 9.47
CA GLN C 6 -7.99 40.14 8.87
C GLN C 6 -7.27 40.52 7.59
N ASN C 7 -8.02 40.62 6.48
CA ASN C 7 -7.48 41.03 5.19
C ASN C 7 -6.35 40.08 4.71
N TYR C 8 -6.45 38.80 5.04
CA TYR C 8 -5.43 37.80 4.72
C TYR C 8 -6.05 36.79 3.77
N HIS C 9 -5.68 36.86 2.49
CA HIS C 9 -6.38 36.10 1.48
C HIS C 9 -5.86 34.66 1.45
N GLU C 10 -6.75 33.72 1.10
CA GLU C 10 -6.36 32.31 1.01
C GLU C 10 -5.28 32.10 -0.06
N ASP C 11 -5.28 32.92 -1.12
CA ASP C 11 -4.16 33.00 -2.05
C ASP C 11 -2.83 33.10 -1.31
N ALA C 12 -2.72 34.11 -0.44
CA ALA C 12 -1.47 34.37 0.25
C ALA C 12 -1.12 33.23 1.19
N GLU C 13 -2.12 32.73 1.95
CA GLU C 13 -1.87 31.63 2.87
C GLU C 13 -1.22 30.46 2.15
N ALA C 14 -1.72 30.12 0.96
CA ALA C 14 -1.20 28.95 0.26
C ALA C 14 0.17 29.21 -0.33
N SER C 15 0.41 30.42 -0.83
CA SER C 15 1.74 30.69 -1.38
C SER C 15 2.80 30.77 -0.28
N ILE C 16 2.42 31.23 0.91
CA ILE C 16 3.37 31.24 2.03
C ILE C 16 3.77 29.81 2.40
N ASN C 17 2.81 28.88 2.42
CA ASN C 17 3.16 27.49 2.74
C ASN C 17 4.09 26.92 1.68
N LYS C 18 3.88 27.29 0.42
CA LYS C 18 4.77 26.83 -0.65
C LYS C 18 6.16 27.44 -0.52
N GLN C 19 6.24 28.70 -0.09
CA GLN C 19 7.53 29.34 0.05
C GLN C 19 8.30 28.77 1.25
N ILE C 20 7.60 28.44 2.34
CA ILE C 20 8.25 27.75 3.45
C ILE C 20 8.93 26.49 2.95
N ASN C 21 8.20 25.66 2.21
CA ASN C 21 8.78 24.43 1.69
C ASN C 21 9.96 24.71 0.78
N MET C 22 9.88 25.76 -0.04
CA MET C 22 10.95 26.07 -0.98
C MET C 22 12.23 26.46 -0.26
N CYS C 23 12.14 27.34 0.75
CA CYS C 23 13.33 27.71 1.50
C CYS C 23 13.91 26.52 2.27
N LEU C 24 13.06 25.61 2.76
CA LEU C 24 13.58 24.44 3.45
C LEU C 24 14.33 23.54 2.48
N TYR C 25 13.84 23.43 1.25
CA TYR C 25 14.56 22.67 0.23
C TYR C 25 15.91 23.31 -0.09
N ALA C 26 15.90 24.63 -0.32
CA ALA C 26 17.15 25.34 -0.58
C ALA C 26 18.15 25.13 0.56
N SER C 27 17.66 25.19 1.80
CA SER C 27 18.55 24.95 2.94
C SER C 27 19.12 23.53 2.90
N TYR C 28 18.29 22.54 2.55
CA TYR C 28 18.75 21.17 2.40
C TYR C 28 19.82 21.07 1.30
N VAL C 29 19.60 21.76 0.18
CA VAL C 29 20.57 21.75 -0.92
C VAL C 29 21.89 22.35 -0.48
N TYR C 30 21.83 23.48 0.24
CA TYR C 30 23.04 24.10 0.76
C TYR C 30 23.76 23.20 1.76
N LEU C 31 23.00 22.49 2.59
CA LEU C 31 23.61 21.55 3.53
C LEU C 31 24.36 20.45 2.80
N SER C 32 23.79 19.96 1.70
CA SER C 32 24.43 18.91 0.93
C SER C 32 25.76 19.40 0.34
N MET C 33 25.75 20.59 -0.26
CA MET C 33 26.99 21.19 -0.74
C MET C 33 28.03 21.38 0.38
N ALA C 34 27.61 21.87 1.54
CA ALA C 34 28.56 22.14 2.62
C ALA C 34 29.35 20.89 2.99
N TYR C 35 28.65 19.77 3.17
CA TYR C 35 29.33 18.55 3.59
C TYR C 35 30.02 17.87 2.43
N TYR C 36 29.62 18.15 1.19
CA TYR C 36 30.39 17.67 0.05
C TYR C 36 31.79 18.28 0.07
N PHE C 37 31.89 19.58 0.34
CA PHE C 37 33.17 20.29 0.33
C PHE C 37 34.02 20.00 1.55
N GLU C 38 33.49 19.27 2.53
CA GLU C 38 34.28 18.79 3.66
C GLU C 38 34.79 17.35 3.47
N ARG C 39 34.44 16.71 2.36
CA ARG C 39 34.99 15.39 2.07
C ARG C 39 36.51 15.46 1.96
N ASP C 40 37.17 14.38 2.40
CA ASP C 40 38.61 14.35 2.42
C ASP C 40 39.20 14.48 1.02
N ASP C 41 38.47 14.05 -0.01
CA ASP C 41 38.95 14.15 -1.39
C ASP C 41 38.42 15.38 -2.11
N VAL C 42 37.86 16.35 -1.38
CA VAL C 42 37.50 17.64 -1.94
C VAL C 42 38.24 18.72 -1.14
N ALA C 43 37.99 18.79 0.16
CA ALA C 43 38.76 19.61 1.11
C ALA C 43 38.84 21.07 0.66
N LEU C 44 37.67 21.70 0.64
CA LEU C 44 37.51 23.11 0.32
C LEU C 44 36.78 23.77 1.48
N PRO C 45 37.48 24.02 2.59
CA PRO C 45 36.78 24.49 3.82
C PRO C 45 36.12 25.85 3.68
N GLY C 46 36.62 26.73 2.83
CA GLY C 46 35.96 28.02 2.64
C GLY C 46 34.61 27.89 1.96
N PHE C 47 34.55 27.09 0.89
CA PHE C 47 33.28 26.76 0.26
C PHE C 47 32.33 26.10 1.26
N ALA C 48 32.84 25.13 2.02
CA ALA C 48 31.98 24.44 2.97
C ALA C 48 31.36 25.41 3.98
N LYS C 49 32.18 26.34 4.51
CA LYS C 49 31.67 27.32 5.46
C LYS C 49 30.65 28.24 4.80
N PHE C 50 30.94 28.69 3.59
CA PHE C 50 30.01 29.57 2.86
C PHE C 50 28.66 28.89 2.71
N PHE C 51 28.65 27.64 2.24
CA PHE C 51 27.39 26.96 2.01
C PHE C 51 26.72 26.56 3.32
N LYS C 52 27.48 26.27 4.38
CA LYS C 52 26.89 26.12 5.70
C LYS C 52 26.10 27.36 6.10
N GLU C 53 26.70 28.56 5.93
CA GLU C 53 25.98 29.78 6.30
C GLU C 53 24.75 29.98 5.42
N SER C 54 24.84 29.67 4.11
CA SER C 54 23.64 29.79 3.28
C SER C 54 22.55 28.81 3.70
N SER C 55 22.94 27.61 4.17
CA SER C 55 21.95 26.66 4.66
C SER C 55 21.24 27.20 5.90
N ASP C 56 21.98 27.87 6.79
CA ASP C 56 21.37 28.41 7.99
C ASP C 56 20.45 29.58 7.65
N CYS C 57 20.90 30.45 6.75
CA CYS C 57 20.10 31.60 6.34
C CYS C 57 18.74 31.16 5.76
N CYS C 58 18.75 30.16 4.86
CA CYS C 58 17.49 29.73 4.27
C CYS C 58 16.56 29.10 5.30
N ARG C 59 17.10 28.47 6.34
CA ARG C 59 16.24 27.90 7.37
C ARG C 59 15.59 29.01 8.20
N GLU C 60 16.34 30.08 8.51
CA GLU C 60 15.70 31.25 9.14
C GLU C 60 14.61 31.83 8.25
N HIS C 61 14.89 31.97 6.94
CA HIS C 61 13.87 32.44 6.00
C HIS C 61 12.59 31.63 6.13
N ALA C 62 12.71 30.30 6.27
CA ALA C 62 11.51 29.48 6.35
C ALA C 62 10.81 29.68 7.69
N GLN C 63 11.57 29.86 8.76
CA GLN C 63 10.95 30.04 10.08
C GLN C 63 10.27 31.38 10.21
N THR C 64 10.83 32.43 9.57
CA THR C 64 10.18 33.73 9.58
C THR C 64 8.83 33.64 8.86
N PHE C 65 8.74 32.83 7.81
CA PHE C 65 7.46 32.62 7.12
C PHE C 65 6.48 31.85 8.01
N MET C 66 6.95 30.87 8.78
CA MET C 66 6.02 30.13 9.62
C MET C 66 5.46 31.02 10.72
N LYS C 67 6.35 31.84 11.34
CA LYS C 67 5.92 32.85 12.29
C LYS C 67 4.92 33.81 11.68
N TYR C 68 5.19 34.25 10.44
CA TYR C 68 4.27 35.16 9.77
C TYR C 68 2.90 34.53 9.57
N GLN C 69 2.86 33.28 9.11
CA GLN C 69 1.59 32.56 8.92
C GLN C 69 0.78 32.58 10.20
N ASN C 70 1.41 32.26 11.33
CA ASN C 70 0.70 32.29 12.61
C ASN C 70 0.30 33.71 13.00
N LYS C 71 1.15 34.70 12.71
CA LYS C 71 0.83 36.10 13.03
C LYS C 71 -0.46 36.55 12.34
N ARG C 72 -0.62 36.21 11.07
CA ARG C 72 -1.79 36.64 10.30
C ARG C 72 -3.01 35.76 10.55
N GLY C 73 -2.87 34.63 11.22
CA GLY C 73 -3.98 33.76 11.47
C GLY C 73 -4.20 32.66 10.44
N GLY C 74 -3.24 32.43 9.54
CA GLY C 74 -3.29 31.28 8.66
C GLY C 74 -2.80 30.01 9.36
N ARG C 75 -2.81 28.93 8.60
CA ARG C 75 -2.40 27.64 9.14
C ARG C 75 -1.20 27.13 8.37
N ILE C 76 -0.14 26.76 9.10
CA ILE C 76 1.05 26.19 8.51
C ILE C 76 0.76 24.75 8.09
N VAL C 77 1.13 24.41 6.86
CA VAL C 77 1.03 23.04 6.37
C VAL C 77 2.38 22.66 5.81
N LEU C 78 3.10 21.79 6.50
CA LEU C 78 4.41 21.35 6.05
C LEU C 78 4.28 20.26 5.00
N GLN C 79 5.19 20.27 4.02
CA GLN C 79 5.26 19.26 2.99
C GLN C 79 6.62 18.59 3.03
N GLN C 80 6.68 17.38 2.48
CA GLN C 80 7.94 16.68 2.34
C GLN C 80 9.02 17.59 1.75
N ILE C 81 10.22 17.50 2.30
CA ILE C 81 11.37 18.19 1.71
C ILE C 81 12.09 17.20 0.80
N ALA C 82 12.18 17.55 -0.48
CA ALA C 82 12.77 16.67 -1.48
C ALA C 82 14.28 16.54 -1.25
N ALA C 83 14.82 15.38 -1.60
CA ALA C 83 16.27 15.21 -1.56
C ALA C 83 16.90 16.12 -2.59
N PRO C 84 18.08 16.69 -2.32
CA PRO C 84 18.75 17.50 -3.35
C PRO C 84 18.89 16.73 -4.66
N SER C 85 18.77 17.46 -5.77
CA SER C 85 18.79 16.85 -7.09
C SER C 85 20.07 16.04 -7.31
N MET C 86 21.20 16.54 -6.83
CA MET C 86 22.42 15.74 -6.85
C MET C 86 23.13 15.85 -5.52
N GLN C 87 23.89 14.80 -5.20
CA GLN C 87 24.70 14.72 -3.99
C GLN C 87 26.13 15.19 -4.21
N GLU C 88 26.57 15.31 -5.47
CA GLU C 88 27.96 15.51 -5.81
C GLU C 88 28.09 16.73 -6.70
N TRP C 89 28.69 17.79 -6.16
CA TRP C 89 28.57 19.11 -6.77
C TRP C 89 29.74 19.49 -7.66
N GLY C 90 30.75 18.64 -7.82
CA GLY C 90 31.82 18.95 -8.76
C GLY C 90 32.81 19.95 -8.19
N THR C 91 33.18 20.95 -8.99
CA THR C 91 34.14 21.96 -8.58
C THR C 91 33.45 23.07 -7.77
N GLY C 92 34.28 23.91 -7.15
CA GLY C 92 33.74 25.07 -6.46
C GLY C 92 32.94 25.98 -7.39
N LEU C 93 33.38 26.11 -8.64
CA LEU C 93 32.72 26.99 -9.58
C LEU C 93 31.33 26.46 -9.93
N GLU C 94 31.23 25.16 -10.21
CA GLU C 94 29.93 24.58 -10.56
C GLU C 94 28.93 24.67 -9.42
N ALA C 95 29.40 24.62 -8.17
CA ALA C 95 28.48 24.77 -7.05
C ALA C 95 27.97 26.21 -6.94
N LEU C 96 28.85 27.19 -7.16
CA LEU C 96 28.43 28.60 -7.14
C LEU C 96 27.41 28.89 -8.24
N GLN C 97 27.62 28.33 -9.44
CA GLN C 97 26.69 28.54 -10.53
C GLN C 97 25.33 27.93 -10.21
N ALA C 98 25.32 26.79 -9.51
CA ALA C 98 24.05 26.20 -9.10
C ALA C 98 23.37 27.04 -8.02
N ALA C 99 24.12 27.56 -7.05
CA ALA C 99 23.53 28.44 -6.04
C ALA C 99 22.97 29.73 -6.65
N LEU C 100 23.68 30.31 -7.61
CA LEU C 100 23.17 31.52 -8.27
C LEU C 100 21.83 31.23 -8.92
N ASP C 101 21.71 30.11 -9.64
CA ASP C 101 20.45 29.75 -10.26
C ASP C 101 19.38 29.42 -9.23
N LEU C 102 19.78 28.87 -8.08
CA LEU C 102 18.82 28.60 -7.01
C LEU C 102 18.29 29.88 -6.39
N GLU C 103 19.17 30.87 -6.14
CA GLU C 103 18.73 32.13 -5.55
C GLU C 103 17.88 32.95 -6.53
N LYS C 104 18.22 32.91 -7.82
CA LYS C 104 17.41 33.60 -8.83
C LYS C 104 16.01 33.00 -8.92
N GLN C 105 15.92 31.67 -8.79
CA GLN C 105 14.63 31.01 -8.81
C GLN C 105 13.81 31.33 -7.56
N VAL C 106 14.46 31.34 -6.39
CA VAL C 106 13.78 31.81 -5.19
C VAL C 106 13.33 33.26 -5.35
N ASN C 107 14.17 34.09 -5.97
CA ASN C 107 13.81 35.49 -6.14
C ASN C 107 12.59 35.64 -7.04
N GLN C 108 12.55 34.93 -8.16
CA GLN C 108 11.37 34.98 -9.03
C GLN C 108 10.11 34.55 -8.28
N SER C 109 10.22 33.52 -7.44
CA SER C 109 9.07 33.06 -6.67
C SER C 109 8.60 34.13 -5.68
N LEU C 110 9.54 34.84 -5.04
CA LEU C 110 9.15 35.92 -4.12
C LEU C 110 8.50 37.08 -4.86
N LEU C 111 9.01 37.42 -6.05
CA LEU C 111 8.39 38.49 -6.83
C LEU C 111 6.95 38.13 -7.19
N GLU C 112 6.71 36.85 -7.51
CA GLU C 112 5.33 36.42 -7.77
C GLU C 112 4.46 36.54 -6.52
N LEU C 113 5.02 36.22 -5.35
CA LEU C 113 4.26 36.36 -4.12
C LEU C 113 3.94 37.82 -3.85
N HIS C 114 4.89 38.72 -4.15
CA HIS C 114 4.64 40.15 -3.98
C HIS C 114 3.53 40.62 -4.90
N SER C 115 3.51 40.11 -6.14
CA SER C 115 2.51 40.55 -7.10
C SER C 115 1.10 40.12 -6.70
N THR C 116 0.95 38.89 -6.20
CA THR C 116 -0.38 38.45 -5.75
C THR C 116 -0.83 39.16 -4.47
N ALA C 117 0.10 39.52 -3.58
CA ALA C 117 -0.26 40.34 -2.42
C ALA C 117 -0.71 41.74 -2.84
N SER C 118 -0.01 42.35 -3.80
CA SER C 118 -0.44 43.66 -4.31
C SER C 118 -1.82 43.57 -4.97
N GLY C 119 -2.07 42.52 -5.73
CA GLY C 119 -3.38 42.35 -6.35
C GLY C 119 -4.49 42.23 -5.32
N ASN C 120 -4.22 41.58 -4.19
CA ASN C 120 -5.18 41.43 -3.12
C ASN C 120 -5.17 42.60 -2.14
N ASN C 121 -4.38 43.64 -2.42
CA ASN C 121 -4.23 44.82 -1.56
C ASN C 121 -3.95 44.42 -0.10
N ASP C 122 -2.80 43.77 0.09
CA ASP C 122 -2.36 43.28 1.40
C ASP C 122 -1.04 43.97 1.68
N PRO C 123 -1.06 45.23 2.13
CA PRO C 123 0.19 45.96 2.34
C PRO C 123 1.04 45.40 3.46
N HIS C 124 0.46 44.71 4.44
CA HIS C 124 1.29 44.09 5.46
C HIS C 124 2.19 43.01 4.84
N LEU C 125 1.63 42.19 3.95
CA LEU C 125 2.43 41.16 3.32
C LEU C 125 3.46 41.76 2.37
N THR C 126 3.10 42.79 1.59
CA THR C 126 4.11 43.33 0.68
C THR C 126 5.24 43.98 1.46
N LYS C 127 4.94 44.59 2.60
CA LYS C 127 5.99 45.13 3.48
C LYS C 127 6.94 44.02 3.93
N LEU C 128 6.38 42.90 4.39
CA LEU C 128 7.22 41.78 4.81
C LEU C 128 8.13 41.31 3.68
N LEU C 129 7.57 41.16 2.47
CA LEU C 129 8.38 40.66 1.36
C LEU C 129 9.48 41.64 0.99
N GLU C 130 9.17 42.94 1.03
CA GLU C 130 10.19 43.94 0.71
C GLU C 130 11.32 43.94 1.74
N ASP C 131 10.99 43.95 3.05
CA ASP C 131 12.01 44.23 4.06
C ASP C 131 12.85 43.00 4.42
N GLU C 132 12.27 41.81 4.45
CA GLU C 132 12.95 40.63 4.96
C GLU C 132 13.37 39.64 3.89
N TYR C 133 12.99 39.83 2.63
CA TYR C 133 13.32 38.81 1.63
C TYR C 133 13.93 39.39 0.37
N LEU C 134 13.25 40.33 -0.27
CA LEU C 134 13.67 40.82 -1.58
C LEU C 134 15.02 41.51 -1.51
N GLU C 135 15.25 42.32 -0.47
CA GLU C 135 16.58 42.88 -0.20
C GLU C 135 17.64 41.78 -0.11
N GLU C 136 17.46 40.87 0.85
CA GLU C 136 18.46 39.83 1.06
C GLU C 136 18.72 39.05 -0.21
N GLN C 137 17.65 38.76 -0.95
CA GLN C 137 17.78 37.99 -2.18
C GLN C 137 18.67 38.71 -3.19
N VAL C 138 18.45 40.00 -3.38
CA VAL C 138 19.26 40.75 -4.34
C VAL C 138 20.71 40.83 -3.86
N ASP C 139 20.92 40.96 -2.54
CA ASP C 139 22.28 40.97 -1.97
C ASP C 139 22.98 39.63 -2.19
N SER C 140 22.28 38.52 -1.96
N SER C 140 22.27 38.51 -1.99
CA SER C 140 22.85 37.19 -2.18
CA SER C 140 22.85 37.19 -2.18
C SER C 140 23.24 36.99 -3.64
C SER C 140 23.20 36.93 -3.63
N ILE C 141 22.36 37.39 -4.57
CA ILE C 141 22.63 37.19 -5.98
C ILE C 141 23.85 38.00 -6.40
N LYS C 142 23.96 39.24 -5.92
CA LYS C 142 25.12 40.05 -6.24
C LYS C 142 26.40 39.44 -5.69
N LYS C 143 26.35 38.98 -4.43
CA LYS C 143 27.53 38.40 -3.81
C LYS C 143 28.01 37.16 -4.58
N ILE C 144 27.08 36.30 -4.98
CA ILE C 144 27.49 35.10 -5.70
C ILE C 144 28.04 35.46 -7.07
N GLY C 145 27.42 36.43 -7.74
CA GLY C 145 27.96 36.92 -8.99
C GLY C 145 29.40 37.40 -8.84
N ASP C 146 29.67 38.20 -7.79
CA ASP C 146 31.03 38.66 -7.52
C ASP C 146 31.99 37.49 -7.36
N MET C 147 31.59 36.46 -6.61
CA MET C 147 32.51 35.36 -6.34
C MET C 147 32.84 34.59 -7.59
N ILE C 148 31.83 34.36 -8.44
CA ILE C 148 32.07 33.63 -9.69
C ILE C 148 33.09 34.39 -10.54
N THR C 149 32.97 35.71 -10.61
CA THR C 149 33.94 36.50 -11.37
C THR C 149 35.32 36.39 -10.75
N LYS C 150 35.41 36.50 -9.42
CA LYS C 150 36.70 36.38 -8.76
C LYS C 150 37.31 34.99 -8.92
N LEU C 151 36.48 33.95 -8.79
CA LEU C 151 36.98 32.59 -8.95
C LEU C 151 37.49 32.37 -10.37
N LYS C 152 36.78 32.89 -11.37
CA LYS C 152 37.22 32.70 -12.76
C LYS C 152 38.54 33.43 -13.03
N ARG C 153 38.75 34.58 -12.39
CA ARG C 153 40.02 35.28 -12.52
C ARG C 153 41.14 34.49 -11.87
N ALA C 154 40.97 34.13 -10.59
CA ALA C 154 42.01 33.42 -9.85
C ALA C 154 42.29 32.06 -10.46
N GLY C 155 41.24 31.30 -10.76
CA GLY C 155 41.35 29.92 -11.18
C GLY C 155 40.76 29.73 -12.55
N PRO C 156 39.64 28.98 -12.65
CA PRO C 156 38.87 28.42 -11.52
C PRO C 156 39.34 27.08 -10.93
N THR C 157 40.42 26.49 -11.43
CA THR C 157 40.95 25.26 -10.85
C THR C 157 42.39 25.48 -10.36
N GLY C 158 42.90 24.48 -9.63
CA GLY C 158 44.31 24.49 -9.22
C GLY C 158 44.59 25.47 -8.10
N LEU C 159 45.77 26.08 -8.19
CA LEU C 159 46.24 27.02 -7.17
C LEU C 159 45.27 28.19 -7.00
N GLY C 160 44.66 28.65 -8.08
CA GLY C 160 43.68 29.72 -7.97
C GLY C 160 42.49 29.33 -7.11
N GLU C 161 41.97 28.12 -7.31
CA GLU C 161 40.85 27.66 -6.49
C GLU C 161 41.28 27.50 -5.03
N TYR C 162 42.50 27.01 -4.81
CA TYR C 162 43.01 26.90 -3.45
C TYR C 162 43.09 28.28 -2.79
N MET C 163 43.62 29.29 -3.50
CA MET C 163 43.75 30.64 -2.96
C MET C 163 42.38 31.28 -2.71
N PHE C 164 41.48 31.19 -3.70
CA PHE C 164 40.16 31.78 -3.54
C PHE C 164 39.41 31.16 -2.36
N ASP C 165 39.57 29.85 -2.16
CA ASP C 165 38.98 29.18 -1.01
C ASP C 165 39.49 29.73 0.32
N LYS C 166 40.78 30.09 0.40
CA LYS C 166 41.31 30.63 1.65
C LYS C 166 40.68 31.97 1.98
N GLU C 167 40.33 32.76 0.96
CA GLU C 167 39.65 34.03 1.19
C GLU C 167 38.24 33.82 1.73
N LEU C 168 37.53 32.79 1.25
CA LEU C 168 36.20 32.52 1.77
C LEU C 168 36.24 32.09 3.24
N ASN C 169 37.36 31.53 3.67
CA ASN C 169 37.44 30.92 5.00
C ASN C 169 37.82 31.92 6.07
N ALA D 1 -42.38 -24.12 18.85
CA ALA D 1 -41.12 -24.58 18.26
C ALA D 1 -40.97 -24.05 16.83
N SER D 2 -40.99 -24.96 15.87
CA SER D 2 -40.83 -24.61 14.46
C SER D 2 -42.18 -24.34 13.82
N GLN D 3 -42.29 -23.20 13.11
CA GLN D 3 -43.51 -22.85 12.41
C GLN D 3 -43.80 -23.75 11.22
N VAL D 4 -42.83 -24.52 10.74
CA VAL D 4 -43.08 -25.39 9.61
C VAL D 4 -43.28 -26.86 9.98
N ARG D 5 -42.93 -27.25 11.21
CA ARG D 5 -42.84 -28.67 11.54
C ARG D 5 -44.23 -29.32 11.60
N GLN D 6 -44.38 -30.43 10.89
CA GLN D 6 -45.67 -31.13 10.88
C GLN D 6 -45.42 -32.61 10.62
N ASN D 7 -45.93 -33.45 11.51
CA ASN D 7 -45.87 -34.90 11.33
C ASN D 7 -44.42 -35.40 11.26
N TYR D 8 -43.51 -34.75 12.00
CA TYR D 8 -42.08 -35.07 11.95
C TYR D 8 -41.65 -35.53 13.34
N HIS D 9 -41.46 -36.83 13.49
CA HIS D 9 -41.16 -37.44 14.78
C HIS D 9 -39.71 -37.18 15.19
N GLU D 10 -39.49 -36.98 16.49
CA GLU D 10 -38.14 -36.75 17.01
C GLU D 10 -37.19 -37.91 16.68
N ASP D 11 -37.73 -39.12 16.54
CA ASP D 11 -36.90 -40.27 16.20
C ASP D 11 -36.38 -40.17 14.76
N ALA D 12 -37.22 -39.69 13.83
CA ALA D 12 -36.76 -39.47 12.47
C ALA D 12 -35.72 -38.37 12.41
N GLU D 13 -35.93 -37.30 13.18
CA GLU D 13 -34.97 -36.20 13.16
C GLU D 13 -33.59 -36.66 13.65
N ALA D 14 -33.55 -37.50 14.69
CA ALA D 14 -32.28 -38.02 15.18
C ALA D 14 -31.64 -38.99 14.20
N SER D 15 -32.45 -39.81 13.55
CA SER D 15 -31.91 -40.77 12.59
C SER D 15 -31.33 -40.07 11.38
N ILE D 16 -31.96 -38.97 10.94
CA ILE D 16 -31.41 -38.17 9.85
C ILE D 16 -30.05 -37.59 10.22
N ASN D 17 -29.90 -37.06 11.44
CA ASN D 17 -28.60 -36.56 11.85
C ASN D 17 -27.53 -37.67 11.80
N LYS D 18 -27.90 -38.89 12.19
CA LYS D 18 -26.97 -40.00 12.14
C LYS D 18 -26.64 -40.40 10.71
N GLN D 19 -27.64 -40.34 9.82
CA GLN D 19 -27.41 -40.69 8.42
C GLN D 19 -26.51 -39.66 7.73
N ILE D 20 -26.64 -38.37 8.10
CA ILE D 20 -25.74 -37.33 7.60
C ILE D 20 -24.29 -37.66 7.95
N ASN D 21 -24.05 -38.05 9.21
CA ASN D 21 -22.70 -38.41 9.62
C ASN D 21 -22.17 -39.60 8.82
N MET D 22 -23.02 -40.59 8.57
CA MET D 22 -22.59 -41.81 7.89
C MET D 22 -22.12 -41.53 6.48
N CYS D 23 -22.83 -40.68 5.74
CA CYS D 23 -22.42 -40.35 4.38
C CYS D 23 -21.21 -39.42 4.36
N LEU D 24 -21.08 -38.53 5.35
CA LEU D 24 -19.85 -37.76 5.44
C LEU D 24 -18.67 -38.68 5.68
N TYR D 25 -18.84 -39.69 6.55
CA TYR D 25 -17.76 -40.63 6.81
C TYR D 25 -17.39 -41.41 5.55
N ALA D 26 -18.41 -41.92 4.83
CA ALA D 26 -18.15 -42.66 3.60
C ALA D 26 -17.47 -41.77 2.54
N SER D 27 -17.89 -40.51 2.46
CA SER D 27 -17.19 -39.56 1.60
C SER D 27 -15.73 -39.45 1.97
N TYR D 28 -15.45 -39.42 3.28
CA TYR D 28 -14.08 -39.30 3.75
C TYR D 28 -13.28 -40.55 3.38
N VAL D 29 -13.89 -41.74 3.54
CA VAL D 29 -13.23 -42.98 3.20
C VAL D 29 -12.85 -43.01 1.72
N TYR D 30 -13.78 -42.59 0.85
CA TYR D 30 -13.52 -42.60 -0.58
C TYR D 30 -12.42 -41.61 -0.94
N LEU D 31 -12.39 -40.46 -0.27
CA LEU D 31 -11.32 -39.50 -0.49
C LEU D 31 -9.98 -40.12 -0.16
N SER D 32 -9.90 -40.83 0.97
CA SER D 32 -8.69 -41.53 1.35
C SER D 32 -8.25 -42.51 0.26
N MET D 33 -9.19 -43.36 -0.22
CA MET D 33 -8.84 -44.34 -1.25
C MET D 33 -8.37 -43.66 -2.52
N ALA D 34 -9.04 -42.57 -2.92
CA ALA D 34 -8.68 -41.87 -4.15
C ALA D 34 -7.24 -41.40 -4.11
N TYR D 35 -6.84 -40.76 -3.01
CA TYR D 35 -5.48 -40.26 -2.97
C TYR D 35 -4.47 -41.37 -2.71
N TYR D 36 -4.91 -42.49 -2.15
CA TYR D 36 -4.00 -43.62 -2.00
C TYR D 36 -3.63 -44.18 -3.36
N PHE D 37 -4.59 -44.26 -4.29
CA PHE D 37 -4.33 -44.79 -5.62
C PHE D 37 -3.58 -43.82 -6.53
N GLU D 38 -3.32 -42.59 -6.09
CA GLU D 38 -2.48 -41.62 -6.79
C GLU D 38 -1.06 -41.54 -6.23
N ARG D 39 -0.74 -42.31 -5.20
CA ARG D 39 0.64 -42.42 -4.74
C ARG D 39 1.53 -42.89 -5.89
N ASP D 40 2.79 -42.43 -5.87
CA ASP D 40 3.73 -42.79 -6.92
C ASP D 40 3.99 -44.29 -6.97
N ASP D 41 3.92 -44.98 -5.82
CA ASP D 41 4.17 -46.41 -5.73
C ASP D 41 2.89 -47.24 -5.86
N VAL D 42 1.79 -46.63 -6.30
CA VAL D 42 0.55 -47.39 -6.52
C VAL D 42 0.08 -47.12 -7.94
N ALA D 43 -0.18 -45.84 -8.26
CA ALA D 43 -0.36 -45.37 -9.62
C ALA D 43 -1.44 -46.16 -10.36
N LEU D 44 -2.67 -46.04 -9.86
CA LEU D 44 -3.85 -46.64 -10.48
C LEU D 44 -4.86 -45.53 -10.72
N PRO D 45 -4.67 -44.74 -11.78
CA PRO D 45 -5.53 -43.56 -12.00
C PRO D 45 -7.01 -43.88 -12.20
N GLY D 46 -7.35 -45.02 -12.81
CA GLY D 46 -8.75 -45.37 -12.95
C GLY D 46 -9.45 -45.57 -11.61
N PHE D 47 -8.84 -46.37 -10.73
CA PHE D 47 -9.36 -46.54 -9.37
C PHE D 47 -9.43 -45.20 -8.63
N ALA D 48 -8.43 -44.35 -8.80
CA ALA D 48 -8.44 -43.05 -8.15
C ALA D 48 -9.66 -42.24 -8.60
N LYS D 49 -9.88 -42.18 -9.91
CA LYS D 49 -11.01 -41.44 -10.46
C LYS D 49 -12.33 -42.02 -9.96
N PHE D 50 -12.48 -43.35 -9.96
CA PHE D 50 -13.70 -43.97 -9.48
C PHE D 50 -13.98 -43.62 -8.02
N PHE D 51 -12.95 -43.62 -7.17
CA PHE D 51 -13.24 -43.36 -5.76
C PHE D 51 -13.43 -41.87 -5.49
N LYS D 52 -12.76 -41.00 -6.23
CA LYS D 52 -13.03 -39.56 -6.15
C LYS D 52 -14.50 -39.26 -6.47
N GLU D 53 -15.03 -39.86 -7.55
CA GLU D 53 -16.43 -39.73 -7.90
C GLU D 53 -17.33 -40.24 -6.78
N SER D 54 -17.01 -41.41 -6.21
CA SER D 54 -17.80 -41.93 -5.10
C SER D 54 -17.78 -40.97 -3.91
N SER D 55 -16.64 -40.29 -3.70
CA SER D 55 -16.53 -39.36 -2.59
C SER D 55 -17.48 -38.19 -2.77
N ASP D 56 -17.50 -37.58 -3.96
CA ASP D 56 -18.40 -36.47 -4.24
C ASP D 56 -19.85 -36.88 -4.06
N CYS D 57 -20.21 -38.05 -4.58
CA CYS D 57 -21.56 -38.59 -4.47
C CYS D 57 -22.05 -38.65 -3.02
N CYS D 58 -21.24 -39.27 -2.14
CA CYS D 58 -21.62 -39.35 -0.72
C CYS D 58 -21.72 -37.96 -0.08
N ARG D 59 -20.85 -37.03 -0.44
CA ARG D 59 -20.97 -35.69 0.12
C ARG D 59 -22.27 -35.04 -0.32
N GLU D 60 -22.69 -35.28 -1.57
CA GLU D 60 -23.98 -34.76 -2.01
C GLU D 60 -25.14 -35.49 -1.31
N HIS D 61 -24.99 -36.79 -0.99
CA HIS D 61 -25.98 -37.49 -0.16
C HIS D 61 -26.13 -36.82 1.20
N ALA D 62 -25.01 -36.46 1.84
CA ALA D 62 -25.08 -35.81 3.13
C ALA D 62 -25.83 -34.48 3.05
N GLN D 63 -25.54 -33.69 2.01
CA GLN D 63 -26.11 -32.35 1.92
C GLN D 63 -27.62 -32.37 1.60
N THR D 64 -28.07 -33.35 0.84
CA THR D 64 -29.50 -33.51 0.61
C THR D 64 -30.22 -33.83 1.93
N PHE D 65 -29.61 -34.66 2.79
CA PHE D 65 -30.19 -34.91 4.11
C PHE D 65 -30.19 -33.65 4.97
N MET D 66 -29.19 -32.78 4.86
CA MET D 66 -29.23 -31.56 5.67
C MET D 66 -30.32 -30.62 5.19
N LYS D 67 -30.46 -30.49 3.88
CA LYS D 67 -31.54 -29.70 3.33
C LYS D 67 -32.89 -30.26 3.77
N TYR D 68 -33.02 -31.58 3.72
CA TYR D 68 -34.28 -32.21 4.14
C TYR D 68 -34.58 -31.89 5.58
N GLN D 69 -33.58 -31.99 6.46
CA GLN D 69 -33.75 -31.67 7.88
C GLN D 69 -34.33 -30.26 8.05
N ASN D 70 -33.75 -29.28 7.35
CA ASN D 70 -34.27 -27.91 7.43
C ASN D 70 -35.66 -27.80 6.82
N LYS D 71 -35.91 -28.55 5.74
CA LYS D 71 -37.20 -28.46 5.05
C LYS D 71 -38.35 -28.92 5.96
N ARG D 72 -38.13 -29.98 6.76
CA ARG D 72 -39.14 -30.48 7.66
C ARG D 72 -39.18 -29.72 8.99
N GLY D 73 -38.20 -28.86 9.25
CA GLY D 73 -38.20 -28.09 10.47
C GLY D 73 -37.46 -28.73 11.63
N GLY D 74 -36.66 -29.77 11.38
CA GLY D 74 -35.76 -30.27 12.40
C GLY D 74 -34.46 -29.48 12.43
N ARG D 75 -33.58 -29.87 13.34
CA ARG D 75 -32.34 -29.13 13.56
C ARG D 75 -31.14 -30.02 13.25
N ILE D 76 -30.29 -29.55 12.34
CA ILE D 76 -29.09 -30.28 11.98
C ILE D 76 -28.11 -30.26 13.14
N VAL D 77 -27.61 -31.43 13.54
CA VAL D 77 -26.60 -31.55 14.59
C VAL D 77 -25.42 -32.31 13.99
N LEU D 78 -24.32 -31.60 13.75
CA LEU D 78 -23.15 -32.19 13.11
C LEU D 78 -22.22 -32.81 14.16
N GLN D 79 -21.73 -34.01 13.87
CA GLN D 79 -20.86 -34.79 14.76
C GLN D 79 -19.47 -34.91 14.16
N GLN D 80 -18.51 -35.35 14.97
CA GLN D 80 -17.17 -35.63 14.45
C GLN D 80 -17.25 -36.67 13.35
N ILE D 81 -16.35 -36.54 12.37
CA ILE D 81 -16.21 -37.49 11.29
C ILE D 81 -14.97 -38.33 11.59
N ALA D 82 -15.19 -39.62 11.81
CA ALA D 82 -14.11 -40.54 12.16
C ALA D 82 -13.09 -40.63 11.03
N ALA D 83 -11.82 -40.77 11.40
CA ALA D 83 -10.78 -41.11 10.45
C ALA D 83 -11.16 -42.40 9.70
N PRO D 84 -10.80 -42.52 8.42
CA PRO D 84 -11.05 -43.77 7.70
C PRO D 84 -10.39 -44.94 8.40
N SER D 85 -10.97 -46.14 8.21
CA SER D 85 -10.50 -47.33 8.90
C SER D 85 -9.07 -47.71 8.53
N MET D 86 -8.58 -47.27 7.38
CA MET D 86 -7.20 -47.55 6.94
C MET D 86 -6.59 -46.26 6.40
N GLN D 87 -5.26 -46.18 6.47
CA GLN D 87 -4.55 -45.19 5.68
C GLN D 87 -4.13 -45.74 4.31
N GLU D 88 -3.85 -47.05 4.23
CA GLU D 88 -3.45 -47.72 3.00
C GLU D 88 -4.43 -48.85 2.70
N TRP D 89 -4.85 -48.95 1.44
CA TRP D 89 -5.93 -49.86 1.06
C TRP D 89 -5.48 -51.08 0.26
N GLY D 90 -4.18 -51.35 0.21
CA GLY D 90 -3.72 -52.59 -0.42
C GLY D 90 -3.96 -52.61 -1.92
N THR D 91 -4.56 -53.68 -2.42
CA THR D 91 -4.78 -53.80 -3.86
C THR D 91 -6.09 -53.11 -4.28
N GLY D 92 -6.26 -52.98 -5.59
CA GLY D 92 -7.53 -52.51 -6.12
C GLY D 92 -8.68 -53.41 -5.73
N LEU D 93 -8.46 -54.72 -5.72
CA LEU D 93 -9.50 -55.66 -5.30
C LEU D 93 -9.92 -55.39 -3.86
N GLU D 94 -8.94 -55.27 -2.96
CA GLU D 94 -9.22 -55.05 -1.54
C GLU D 94 -9.97 -53.75 -1.30
N ALA D 95 -9.62 -52.70 -2.04
CA ALA D 95 -10.35 -51.44 -1.91
C ALA D 95 -11.81 -51.61 -2.33
N LEU D 96 -12.05 -52.36 -3.41
CA LEU D 96 -13.42 -52.58 -3.89
C LEU D 96 -14.20 -53.42 -2.90
N GLN D 97 -13.56 -54.42 -2.31
CA GLN D 97 -14.24 -55.20 -1.27
C GLN D 97 -14.60 -54.34 -0.07
N ALA D 98 -13.68 -53.44 0.33
CA ALA D 98 -14.01 -52.48 1.39
C ALA D 98 -15.19 -51.60 1.01
N ALA D 99 -15.23 -51.10 -0.23
CA ALA D 99 -16.33 -50.23 -0.63
C ALA D 99 -17.66 -50.97 -0.67
N LEU D 100 -17.65 -52.23 -1.13
CA LEU D 100 -18.88 -53.02 -1.13
C LEU D 100 -19.42 -53.18 0.29
N ASP D 101 -18.57 -53.49 1.26
CA ASP D 101 -19.04 -53.62 2.64
C ASP D 101 -19.55 -52.29 3.19
N LEU D 102 -18.88 -51.19 2.83
CA LEU D 102 -19.31 -49.86 3.25
C LEU D 102 -20.70 -49.53 2.68
N GLU D 103 -20.91 -49.79 1.39
CA GLU D 103 -22.21 -49.46 0.80
C GLU D 103 -23.32 -50.37 1.34
N LYS D 104 -22.99 -51.61 1.69
CA LYS D 104 -23.99 -52.49 2.27
C LYS D 104 -24.41 -51.99 3.66
N GLN D 105 -23.45 -51.48 4.44
CA GLN D 105 -23.77 -50.94 5.75
C GLN D 105 -24.62 -49.69 5.66
N VAL D 106 -24.33 -48.83 4.67
CA VAL D 106 -25.16 -47.66 4.45
C VAL D 106 -26.57 -48.08 4.03
N ASN D 107 -26.67 -49.02 3.09
CA ASN D 107 -27.97 -49.53 2.67
C ASN D 107 -28.77 -50.04 3.87
N GLN D 108 -28.13 -50.82 4.73
CA GLN D 108 -28.83 -51.38 5.89
C GLN D 108 -29.36 -50.26 6.79
N SER D 109 -28.52 -49.27 7.07
CA SER D 109 -28.96 -48.16 7.90
C SER D 109 -30.13 -47.41 7.25
N LEU D 110 -30.12 -47.24 5.92
CA LEU D 110 -31.23 -46.59 5.24
C LEU D 110 -32.52 -47.39 5.35
N LEU D 111 -32.45 -48.71 5.21
CA LEU D 111 -33.64 -49.55 5.34
C LEU D 111 -34.23 -49.46 6.75
N GLU D 112 -33.36 -49.36 7.77
CA GLU D 112 -33.85 -49.17 9.14
C GLU D 112 -34.54 -47.82 9.31
N LEU D 113 -33.98 -46.77 8.69
CA LEU D 113 -34.62 -45.46 8.71
C LEU D 113 -35.97 -45.50 7.99
N HIS D 114 -36.06 -46.25 6.89
CA HIS D 114 -37.34 -46.38 6.22
C HIS D 114 -38.38 -47.03 7.12
N SER D 115 -37.99 -48.11 7.81
CA SER D 115 -38.92 -48.80 8.69
C SER D 115 -39.37 -47.91 9.84
N THR D 116 -38.46 -47.10 10.39
CA THR D 116 -38.81 -46.12 11.41
C THR D 116 -39.85 -45.14 10.89
N ALA D 117 -39.59 -44.56 9.72
CA ALA D 117 -40.53 -43.63 9.10
C ALA D 117 -41.90 -44.27 8.88
N SER D 118 -41.93 -45.54 8.42
CA SER D 118 -43.20 -46.23 8.23
C SER D 118 -43.95 -46.41 9.54
N GLY D 119 -43.24 -46.79 10.61
CA GLY D 119 -43.89 -46.99 11.90
C GLY D 119 -44.51 -45.74 12.46
N ASN D 120 -43.91 -44.58 12.18
CA ASN D 120 -44.47 -43.29 12.58
C ASN D 120 -45.39 -42.70 11.52
N ASN D 121 -45.71 -43.45 10.46
CA ASN D 121 -46.54 -42.99 9.34
C ASN D 121 -46.07 -41.62 8.83
N ASP D 122 -44.83 -41.60 8.32
CA ASP D 122 -44.24 -40.39 7.74
C ASP D 122 -44.04 -40.62 6.25
N PRO D 123 -45.10 -40.49 5.44
CA PRO D 123 -44.97 -40.81 4.01
C PRO D 123 -44.02 -39.89 3.27
N HIS D 124 -43.85 -38.64 3.74
CA HIS D 124 -42.92 -37.75 3.09
C HIS D 124 -41.48 -38.23 3.24
N LEU D 125 -41.12 -38.73 4.43
CA LEU D 125 -39.78 -39.28 4.62
C LEU D 125 -39.57 -40.61 3.89
N THR D 126 -40.55 -41.54 3.95
CA THR D 126 -40.39 -42.78 3.20
C THR D 126 -40.24 -42.49 1.70
N LYS D 127 -40.97 -41.49 1.21
CA LYS D 127 -40.86 -41.12 -0.20
C LYS D 127 -39.44 -40.67 -0.53
N LEU D 128 -38.91 -39.72 0.26
CA LEU D 128 -37.55 -39.24 0.08
C LEU D 128 -36.55 -40.39 0.06
N LEU D 129 -36.68 -41.33 1.02
CA LEU D 129 -35.76 -42.45 1.07
C LEU D 129 -35.89 -43.34 -0.16
N GLU D 130 -37.12 -43.54 -0.63
CA GLU D 130 -37.33 -44.36 -1.82
C GLU D 130 -36.80 -43.68 -3.07
N ASP D 131 -36.91 -42.35 -3.18
CA ASP D 131 -36.54 -41.71 -4.44
C ASP D 131 -35.08 -41.26 -4.51
N GLU D 132 -34.47 -40.87 -3.40
CA GLU D 132 -33.14 -40.27 -3.45
C GLU D 132 -32.02 -41.17 -2.96
N TYR D 133 -32.34 -42.30 -2.33
CA TYR D 133 -31.30 -43.06 -1.65
C TYR D 133 -31.34 -44.56 -1.95
N LEU D 134 -32.50 -45.20 -1.82
CA LEU D 134 -32.51 -46.66 -1.87
C LEU D 134 -32.15 -47.16 -3.26
N GLU D 135 -32.65 -46.52 -4.32
CA GLU D 135 -32.33 -46.98 -5.67
C GLU D 135 -30.86 -46.79 -5.99
N GLU D 136 -30.29 -45.62 -5.66
CA GLU D 136 -28.88 -45.39 -5.94
C GLU D 136 -28.00 -46.33 -5.13
N GLN D 137 -28.43 -46.69 -3.93
CA GLN D 137 -27.68 -47.62 -3.11
C GLN D 137 -27.65 -49.02 -3.74
N VAL D 138 -28.79 -49.46 -4.29
CA VAL D 138 -28.85 -50.79 -4.91
C VAL D 138 -28.04 -50.80 -6.21
N ASP D 139 -28.12 -49.71 -6.99
CA ASP D 139 -27.29 -49.57 -8.19
C ASP D 139 -25.81 -49.55 -7.84
N SER D 140 -25.46 -48.81 -6.79
CA SER D 140 -24.07 -48.71 -6.37
C SER D 140 -23.51 -50.08 -5.96
N ILE D 141 -24.30 -50.85 -5.19
CA ILE D 141 -23.83 -52.17 -4.75
C ILE D 141 -23.66 -53.10 -5.94
N LYS D 142 -24.61 -53.05 -6.89
CA LYS D 142 -24.53 -53.89 -8.08
C LYS D 142 -23.32 -53.54 -8.94
N LYS D 143 -23.04 -52.25 -9.09
CA LYS D 143 -21.88 -51.82 -9.87
C LYS D 143 -20.58 -52.35 -9.26
N ILE D 144 -20.39 -52.18 -7.95
CA ILE D 144 -19.15 -52.66 -7.31
C ILE D 144 -19.03 -54.17 -7.44
N GLY D 145 -20.15 -54.89 -7.29
CA GLY D 145 -20.11 -56.34 -7.48
C GLY D 145 -19.67 -56.75 -8.88
N ASP D 146 -20.27 -56.12 -9.91
CA ASP D 146 -19.79 -56.32 -11.28
C ASP D 146 -18.29 -56.09 -11.39
N MET D 147 -17.78 -55.02 -10.76
CA MET D 147 -16.37 -54.68 -10.92
C MET D 147 -15.48 -55.73 -10.27
N ILE D 148 -15.89 -56.24 -9.10
CA ILE D 148 -15.08 -57.24 -8.42
C ILE D 148 -14.98 -58.50 -9.27
N THR D 149 -16.08 -58.87 -9.92
CA THR D 149 -16.07 -60.06 -10.79
C THR D 149 -15.17 -59.83 -12.00
N LYS D 150 -15.28 -58.66 -12.64
CA LYS D 150 -14.44 -58.33 -13.79
C LYS D 150 -12.98 -58.30 -13.40
N LEU D 151 -12.66 -57.72 -12.25
CA LEU D 151 -11.27 -57.63 -11.85
C LEU D 151 -10.72 -58.99 -11.43
N LYS D 152 -11.55 -59.85 -10.84
CA LYS D 152 -11.07 -61.21 -10.56
C LYS D 152 -10.81 -62.00 -11.85
N ARG D 153 -11.64 -61.79 -12.88
CA ARG D 153 -11.41 -62.45 -14.16
C ARG D 153 -10.14 -61.90 -14.83
N ALA D 154 -10.00 -60.57 -14.86
CA ALA D 154 -8.85 -59.96 -15.54
C ALA D 154 -7.56 -60.23 -14.77
N GLY D 155 -7.57 -60.08 -13.46
CA GLY D 155 -6.35 -60.08 -12.68
C GLY D 155 -6.33 -61.18 -11.65
N PRO D 156 -6.52 -60.82 -10.37
CA PRO D 156 -6.73 -59.44 -9.90
C PRO D 156 -5.46 -58.59 -9.72
N THR D 157 -4.29 -59.16 -9.99
CA THR D 157 -3.02 -58.45 -9.89
C THR D 157 -2.28 -58.45 -11.23
N GLY D 158 -1.21 -57.64 -11.30
CA GLY D 158 -0.34 -57.65 -12.47
C GLY D 158 -0.96 -56.98 -13.69
N LEU D 159 -0.68 -57.56 -14.86
CA LEU D 159 -1.18 -57.01 -16.12
C LEU D 159 -2.71 -56.91 -16.14
N GLY D 160 -3.39 -57.90 -15.56
CA GLY D 160 -4.84 -57.83 -15.50
C GLY D 160 -5.35 -56.63 -14.74
N GLU D 161 -4.72 -56.33 -13.60
CA GLU D 161 -5.13 -55.15 -12.85
C GLU D 161 -4.81 -53.87 -13.62
N TYR D 162 -3.68 -53.85 -14.31
CA TYR D 162 -3.33 -52.69 -15.13
C TYR D 162 -4.37 -52.47 -16.21
N MET D 163 -4.82 -53.54 -16.87
CA MET D 163 -5.78 -53.41 -17.96
C MET D 163 -7.16 -53.03 -17.43
N PHE D 164 -7.58 -53.64 -16.33
CA PHE D 164 -8.86 -53.27 -15.72
C PHE D 164 -8.86 -51.80 -15.33
N ASP D 165 -7.72 -51.27 -14.86
CA ASP D 165 -7.66 -49.89 -14.43
C ASP D 165 -7.91 -48.91 -15.57
N LYS D 166 -7.54 -49.28 -16.81
CA LYS D 166 -7.86 -48.45 -17.98
C LYS D 166 -9.35 -48.40 -18.27
N GLU D 167 -10.08 -49.46 -17.92
CA GLU D 167 -11.53 -49.47 -18.09
C GLU D 167 -12.17 -48.31 -17.31
N LEU D 168 -11.73 -48.08 -16.07
CA LEU D 168 -12.33 -47.04 -15.24
C LEU D 168 -11.73 -45.66 -15.47
N ASN D 169 -10.67 -45.56 -16.26
CA ASN D 169 -10.04 -44.27 -16.53
C ASN D 169 -11.00 -43.41 -17.35
N ALA E 1 14.11 31.67 -30.51
CA ALA E 1 12.70 32.01 -30.71
C ALA E 1 11.91 30.80 -31.27
N SER E 2 10.59 30.77 -31.00
CA SER E 2 9.73 29.68 -31.45
C SER E 2 9.26 29.91 -32.88
N GLN E 3 9.34 28.86 -33.71
CA GLN E 3 8.91 28.97 -35.09
C GLN E 3 7.39 28.88 -35.26
N VAL E 4 6.66 28.35 -34.27
CA VAL E 4 5.22 28.23 -34.37
C VAL E 4 4.46 29.29 -33.57
N ARG E 5 5.12 30.01 -32.66
CA ARG E 5 4.41 30.86 -31.73
C ARG E 5 3.79 32.07 -32.42
N GLN E 6 2.52 32.34 -32.14
CA GLN E 6 1.84 33.50 -32.75
C GLN E 6 0.67 33.92 -31.88
N ASN E 7 0.67 35.19 -31.45
CA ASN E 7 -0.44 35.77 -30.68
C ASN E 7 -0.63 35.03 -29.35
N TYR E 8 0.46 34.55 -28.75
CA TYR E 8 0.43 33.80 -27.50
C TYR E 8 1.21 34.61 -26.46
N HIS E 9 0.50 35.33 -25.61
CA HIS E 9 1.09 36.21 -24.62
C HIS E 9 1.75 35.41 -23.48
N GLU E 10 2.82 35.98 -22.91
CA GLU E 10 3.51 35.31 -21.80
C GLU E 10 2.62 35.11 -20.58
N ASP E 11 1.63 35.99 -20.38
CA ASP E 11 0.67 35.83 -19.28
C ASP E 11 -0.11 34.53 -19.42
N ALA E 12 -0.58 34.24 -20.64
CA ALA E 12 -1.30 33.00 -20.87
C ALA E 12 -0.40 31.80 -20.65
N GLU E 13 0.84 31.87 -21.16
CA GLU E 13 1.74 30.73 -21.00
C GLU E 13 2.00 30.44 -19.53
N ALA E 14 2.26 31.49 -18.73
CA ALA E 14 2.51 31.29 -17.30
C ALA E 14 1.27 30.78 -16.59
N SER E 15 0.10 31.23 -17.00
CA SER E 15 -1.09 30.83 -16.26
C SER E 15 -1.57 29.43 -16.67
N ILE E 16 -1.26 28.97 -17.90
CA ILE E 16 -1.48 27.57 -18.25
C ILE E 16 -0.61 26.65 -17.40
N ASN E 17 0.66 27.02 -17.20
CA ASN E 17 1.53 26.20 -16.35
C ASN E 17 0.98 26.10 -14.92
N LYS E 18 0.43 27.19 -14.39
CA LYS E 18 -0.17 27.10 -13.06
C LYS E 18 -1.45 26.26 -13.07
N GLN E 19 -2.21 26.29 -14.16
CA GLN E 19 -3.42 25.46 -14.25
C GLN E 19 -3.09 23.98 -14.39
N ILE E 20 -1.99 23.65 -15.07
CA ILE E 20 -1.54 22.26 -15.10
C ILE E 20 -1.30 21.76 -13.68
N ASN E 21 -0.62 22.56 -12.85
CA ASN E 21 -0.35 22.14 -11.49
C ASN E 21 -1.63 21.99 -10.69
N MET E 22 -2.60 22.87 -10.93
CA MET E 22 -3.82 22.79 -10.13
C MET E 22 -4.61 21.53 -10.45
N CYS E 23 -4.64 21.13 -11.71
CA CYS E 23 -5.37 19.90 -12.05
C CYS E 23 -4.61 18.66 -11.61
N LEU E 24 -3.26 18.71 -11.61
CA LEU E 24 -2.48 17.59 -11.08
C LEU E 24 -2.71 17.43 -9.58
N TYR E 25 -2.76 18.56 -8.84
CA TYR E 25 -3.09 18.52 -7.41
C TYR E 25 -4.48 17.96 -7.18
N ALA E 26 -5.49 18.46 -7.92
CA ALA E 26 -6.84 17.91 -7.78
C ALA E 26 -6.86 16.42 -8.07
N SER E 27 -6.17 15.99 -9.12
CA SER E 27 -6.05 14.56 -9.39
C SER E 27 -5.50 13.79 -8.19
N TYR E 28 -4.54 14.38 -7.49
CA TYR E 28 -3.92 13.74 -6.33
C TYR E 28 -4.88 13.71 -5.14
N VAL E 29 -5.65 14.77 -4.95
CA VAL E 29 -6.66 14.78 -3.88
C VAL E 29 -7.67 13.65 -4.11
N TYR E 30 -8.14 13.51 -5.34
CA TYR E 30 -9.10 12.46 -5.67
C TYR E 30 -8.49 11.07 -5.52
N LEU E 31 -7.23 10.90 -5.91
CA LEU E 31 -6.57 9.62 -5.67
C LEU E 31 -6.55 9.28 -4.18
N SER E 32 -6.28 10.28 -3.34
CA SER E 32 -6.26 10.05 -1.91
C SER E 32 -7.63 9.60 -1.40
N MET E 33 -8.70 10.28 -1.84
CA MET E 33 -10.05 9.86 -1.44
C MET E 33 -10.39 8.49 -1.97
N ALA E 34 -9.97 8.17 -3.20
CA ALA E 34 -10.36 6.90 -3.82
C ALA E 34 -9.87 5.72 -2.98
N TYR E 35 -8.65 5.80 -2.46
CA TYR E 35 -8.11 4.69 -1.69
C TYR E 35 -8.49 4.76 -0.22
N TYR E 36 -8.84 5.94 0.29
CA TYR E 36 -9.38 6.00 1.65
C TYR E 36 -10.71 5.23 1.72
N PHE E 37 -11.55 5.33 0.70
CA PHE E 37 -12.83 4.65 0.74
C PHE E 37 -12.74 3.15 0.42
N GLU E 38 -11.55 2.65 0.09
CA GLU E 38 -11.31 1.21 -0.01
C GLU E 38 -10.66 0.62 1.23
N ARG E 39 -10.40 1.42 2.26
CA ARG E 39 -9.91 0.87 3.51
C ARG E 39 -10.93 -0.12 4.06
N ASP E 40 -10.42 -1.17 4.70
CA ASP E 40 -11.32 -2.19 5.24
C ASP E 40 -12.25 -1.63 6.32
N ASP E 41 -11.84 -0.57 7.02
CA ASP E 41 -12.70 0.06 8.01
C ASP E 41 -13.50 1.23 7.44
N VAL E 42 -13.54 1.38 6.13
CA VAL E 42 -14.40 2.37 5.49
C VAL E 42 -15.35 1.64 4.55
N ALA E 43 -14.79 0.99 3.53
CA ALA E 43 -15.51 0.03 2.67
C ALA E 43 -16.73 0.66 1.99
N LEU E 44 -16.49 1.74 1.24
CA LEU E 44 -17.51 2.38 0.41
C LEU E 44 -17.04 2.28 -1.03
N PRO E 45 -17.22 1.13 -1.66
CA PRO E 45 -16.68 0.96 -3.02
C PRO E 45 -17.28 1.89 -4.05
N GLY E 46 -18.53 2.32 -3.88
CA GLY E 46 -19.11 3.26 -4.84
C GLY E 46 -18.40 4.60 -4.83
N PHE E 47 -18.18 5.16 -3.62
CA PHE E 47 -17.39 6.37 -3.48
C PHE E 47 -15.98 6.20 -4.02
N ALA E 48 -15.35 5.06 -3.73
CA ALA E 48 -14.01 4.80 -4.23
C ALA E 48 -13.96 4.90 -5.74
N LYS E 49 -14.86 4.19 -6.43
CA LYS E 49 -14.92 4.21 -7.88
C LYS E 49 -15.19 5.63 -8.39
N PHE E 50 -16.15 6.33 -7.78
CA PHE E 50 -16.46 7.68 -8.20
C PHE E 50 -15.23 8.59 -8.14
N PHE E 51 -14.52 8.59 -7.02
CA PHE E 51 -13.34 9.45 -6.89
C PHE E 51 -12.17 8.97 -7.75
N LYS E 52 -12.02 7.66 -7.95
CA LYS E 52 -10.97 7.21 -8.86
C LYS E 52 -11.19 7.77 -10.26
N GLU E 53 -12.43 7.77 -10.73
CA GLU E 53 -12.72 8.33 -12.05
C GLU E 53 -12.48 9.83 -12.07
N SER E 54 -12.82 10.53 -10.99
CA SER E 54 -12.50 11.95 -10.93
C SER E 54 -11.00 12.19 -10.99
N SER E 55 -10.21 11.31 -10.38
CA SER E 55 -8.76 11.46 -10.42
C SER E 55 -8.25 11.34 -11.85
N ASP E 56 -8.67 10.28 -12.56
CA ASP E 56 -8.28 10.08 -13.94
C ASP E 56 -8.65 11.28 -14.81
N CYS E 57 -9.85 11.82 -14.60
CA CYS E 57 -10.33 12.92 -15.41
C CYS E 57 -9.48 14.18 -15.22
N CYS E 58 -9.13 14.52 -13.97
CA CYS E 58 -8.24 15.66 -13.73
C CYS E 58 -6.85 15.44 -14.32
N ARG E 59 -6.36 14.20 -14.34
CA ARG E 59 -5.07 13.98 -14.97
C ARG E 59 -5.15 14.22 -16.48
N GLU E 60 -6.24 13.79 -17.13
CA GLU E 60 -6.38 14.09 -18.55
C GLU E 60 -6.54 15.58 -18.80
N HIS E 61 -7.19 16.30 -17.88
CA HIS E 61 -7.26 17.76 -17.99
C HIS E 61 -5.86 18.36 -17.97
N ALA E 62 -5.00 17.90 -17.07
CA ALA E 62 -3.65 18.45 -17.00
C ALA E 62 -2.88 18.14 -18.29
N GLN E 63 -3.04 16.92 -18.82
CA GLN E 63 -2.30 16.54 -20.02
C GLN E 63 -2.77 17.32 -21.25
N THR E 64 -4.07 17.63 -21.32
CA THR E 64 -4.57 18.44 -22.41
C THR E 64 -3.95 19.83 -22.39
N PHE E 65 -3.79 20.41 -21.19
CA PHE E 65 -3.10 21.70 -21.10
C PHE E 65 -1.64 21.60 -21.53
N MET E 66 -0.97 20.49 -21.18
CA MET E 66 0.42 20.33 -21.61
C MET E 66 0.53 20.26 -23.14
N LYS E 67 -0.36 19.50 -23.78
CA LYS E 67 -0.38 19.46 -25.24
C LYS E 67 -0.65 20.84 -25.81
N TYR E 68 -1.56 21.58 -25.18
CA TYR E 68 -1.91 22.91 -25.68
C TYR E 68 -0.70 23.82 -25.63
N GLN E 69 0.02 23.79 -24.51
CA GLN E 69 1.23 24.59 -24.35
C GLN E 69 2.19 24.34 -25.51
N ASN E 70 2.42 23.06 -25.84
CA ASN E 70 3.29 22.71 -26.96
C ASN E 70 2.70 23.14 -28.30
N LYS E 71 1.37 23.06 -28.45
CA LYS E 71 0.72 23.45 -29.69
C LYS E 71 0.93 24.93 -29.99
N ARG E 72 0.92 25.78 -28.95
CA ARG E 72 1.07 27.21 -29.14
C ARG E 72 2.51 27.67 -29.13
N GLY E 73 3.45 26.76 -28.85
CA GLY E 73 4.85 27.14 -28.79
C GLY E 73 5.32 27.69 -27.45
N GLY E 74 4.55 27.49 -26.38
CA GLY E 74 5.01 27.82 -25.05
C GLY E 74 5.83 26.68 -24.46
N ARG E 75 6.30 26.89 -23.23
CA ARG E 75 7.20 25.93 -22.60
C ARG E 75 6.56 25.41 -21.33
N ILE E 76 6.38 24.09 -21.28
CA ILE E 76 5.83 23.45 -20.09
C ILE E 76 6.82 23.57 -18.95
N VAL E 77 6.36 24.01 -17.79
CA VAL E 77 7.17 24.09 -16.59
C VAL E 77 6.40 23.38 -15.48
N LEU E 78 6.90 22.22 -15.05
CA LEU E 78 6.22 21.43 -14.03
C LEU E 78 6.75 21.76 -12.64
N GLN E 79 5.83 21.92 -11.70
CA GLN E 79 6.12 22.26 -10.31
C GLN E 79 5.75 21.09 -9.41
N GLN E 80 6.21 21.15 -8.16
CA GLN E 80 5.87 20.13 -7.17
C GLN E 80 4.36 20.00 -7.04
N ILE E 81 3.91 18.79 -6.72
CA ILE E 81 2.50 18.50 -6.50
C ILE E 81 2.31 18.27 -5.01
N ALA E 82 1.71 19.26 -4.33
CA ALA E 82 1.47 19.16 -2.89
C ALA E 82 0.60 17.96 -2.55
N ALA E 83 0.85 17.37 -1.39
CA ALA E 83 -0.01 16.31 -0.91
C ALA E 83 -1.28 16.93 -0.33
N PRO E 84 -2.40 16.20 -0.34
CA PRO E 84 -3.59 16.71 0.35
C PRO E 84 -3.26 16.92 1.82
N SER E 85 -3.69 18.06 2.36
CA SER E 85 -3.35 18.40 3.74
C SER E 85 -4.02 17.45 4.74
N MET E 86 -5.30 17.17 4.55
CA MET E 86 -6.04 16.23 5.40
C MET E 86 -6.37 15.00 4.56
N GLN E 87 -5.79 13.84 4.92
CA GLN E 87 -5.95 12.61 4.16
C GLN E 87 -6.92 11.62 4.77
N GLU E 88 -7.49 11.92 5.92
CA GLU E 88 -8.60 11.13 6.45
C GLU E 88 -9.87 11.93 6.18
N TRP E 89 -10.61 11.49 5.19
CA TRP E 89 -11.70 12.27 4.66
C TRP E 89 -13.00 12.13 5.44
N GLY E 90 -13.10 11.16 6.36
CA GLY E 90 -14.30 11.04 7.17
C GLY E 90 -15.38 10.28 6.43
N THR E 91 -16.60 10.83 6.43
CA THR E 91 -17.75 10.20 5.81
C THR E 91 -17.83 10.51 4.32
N GLY E 92 -18.71 9.79 3.63
CA GLY E 92 -18.94 10.06 2.21
C GLY E 92 -19.39 11.48 1.94
N LEU E 93 -20.23 12.03 2.82
CA LEU E 93 -20.71 13.40 2.65
C LEU E 93 -19.60 14.42 2.83
N GLU E 94 -18.72 14.22 3.81
CA GLU E 94 -17.62 15.16 4.00
C GLU E 94 -16.69 15.18 2.79
N ALA E 95 -16.50 14.03 2.15
CA ALA E 95 -15.65 13.98 0.97
C ALA E 95 -16.32 14.66 -0.23
N LEU E 96 -17.63 14.46 -0.43
CA LEU E 96 -18.34 15.14 -1.50
C LEU E 96 -18.30 16.64 -1.33
N GLN E 97 -18.38 17.11 -0.07
CA GLN E 97 -18.34 18.55 0.18
C GLN E 97 -16.96 19.13 -0.10
N ALA E 98 -15.90 18.38 0.22
CA ALA E 98 -14.55 18.80 -0.14
C ALA E 98 -14.37 18.84 -1.65
N ALA E 99 -14.86 17.81 -2.36
CA ALA E 99 -14.79 17.79 -3.82
C ALA E 99 -15.55 18.97 -4.43
N LEU E 100 -16.74 19.29 -3.90
CA LEU E 100 -17.50 20.42 -4.42
C LEU E 100 -16.70 21.71 -4.29
N ASP E 101 -16.10 21.95 -3.12
CA ASP E 101 -15.25 23.12 -2.91
C ASP E 101 -14.08 23.12 -3.89
N LEU E 102 -13.44 21.97 -4.05
CA LEU E 102 -12.30 21.86 -4.95
C LEU E 102 -12.69 22.16 -6.39
N GLU E 103 -13.84 21.64 -6.86
CA GLU E 103 -14.23 21.87 -8.25
C GLU E 103 -14.60 23.34 -8.48
N LYS E 104 -15.23 23.98 -7.50
CA LYS E 104 -15.52 25.40 -7.62
C LYS E 104 -14.25 26.23 -7.65
N GLN E 105 -13.22 25.80 -6.91
CA GLN E 105 -11.94 26.50 -6.93
C GLN E 105 -11.27 26.39 -8.30
N VAL E 106 -11.30 25.19 -8.89
CA VAL E 106 -10.76 25.02 -10.23
C VAL E 106 -11.57 25.85 -11.24
N ASN E 107 -12.90 25.85 -11.09
CA ASN E 107 -13.75 26.63 -11.97
C ASN E 107 -13.37 28.12 -11.91
N GLN E 108 -13.23 28.65 -10.69
CA GLN E 108 -12.84 30.04 -10.51
C GLN E 108 -11.53 30.35 -11.25
N SER E 109 -10.54 29.48 -11.08
CA SER E 109 -9.26 29.69 -11.75
C SER E 109 -9.42 29.66 -13.28
N LEU E 110 -10.23 28.73 -13.80
CA LEU E 110 -10.45 28.68 -15.25
C LEU E 110 -11.13 29.95 -15.76
N LEU E 111 -12.11 30.46 -14.99
CA LEU E 111 -12.78 31.69 -15.39
C LEU E 111 -11.81 32.88 -15.39
N GLU E 112 -10.82 32.90 -14.46
CA GLU E 112 -9.81 33.96 -14.50
C GLU E 112 -8.88 33.82 -15.70
N LEU E 113 -8.44 32.58 -16.00
CA LEU E 113 -7.67 32.36 -17.21
C LEU E 113 -8.43 32.81 -18.44
N HIS E 114 -9.76 32.62 -18.46
CA HIS E 114 -10.52 33.02 -19.64
C HIS E 114 -10.55 34.54 -19.80
N SER E 115 -10.68 35.26 -18.68
CA SER E 115 -10.66 36.72 -18.71
C SER E 115 -9.30 37.27 -19.14
N THR E 116 -8.20 36.68 -18.65
CA THR E 116 -6.86 37.01 -19.12
C THR E 116 -6.76 36.85 -20.64
N ALA E 117 -7.17 35.68 -21.14
CA ALA E 117 -7.11 35.41 -22.57
C ALA E 117 -7.98 36.39 -23.35
N SER E 118 -9.15 36.73 -22.83
CA SER E 118 -9.99 37.74 -23.48
C SER E 118 -9.32 39.10 -23.50
N GLY E 119 -8.68 39.49 -22.38
CA GLY E 119 -7.97 40.75 -22.33
C GLY E 119 -6.84 40.87 -23.35
N ASN E 120 -6.15 39.76 -23.62
CA ASN E 120 -5.07 39.74 -24.60
C ASN E 120 -5.53 39.40 -26.01
N ASN E 121 -6.84 39.32 -26.25
CA ASN E 121 -7.41 39.00 -27.55
C ASN E 121 -6.78 37.74 -28.14
N ASP E 122 -6.94 36.65 -27.38
CA ASP E 122 -6.49 35.32 -27.76
C ASP E 122 -7.72 34.43 -27.96
N PRO E 123 -8.35 34.47 -29.13
CA PRO E 123 -9.57 33.66 -29.34
C PRO E 123 -9.31 32.17 -29.42
N HIS E 124 -8.09 31.74 -29.71
CA HIS E 124 -7.83 30.30 -29.66
C HIS E 124 -7.86 29.78 -28.22
N LEU E 125 -7.33 30.57 -27.29
CA LEU E 125 -7.31 30.13 -25.90
C LEU E 125 -8.71 30.16 -25.30
N THR E 126 -9.48 31.23 -25.54
CA THR E 126 -10.83 31.30 -24.98
C THR E 126 -11.68 30.14 -25.50
N LYS E 127 -11.48 29.77 -26.77
CA LYS E 127 -12.22 28.67 -27.35
C LYS E 127 -11.84 27.34 -26.71
N LEU E 128 -10.53 27.08 -26.55
CA LEU E 128 -10.08 25.91 -25.80
C LEU E 128 -10.74 25.85 -24.43
N LEU E 129 -10.70 26.95 -23.68
CA LEU E 129 -11.26 26.92 -22.33
C LEU E 129 -12.76 26.66 -22.37
N GLU E 130 -13.48 27.28 -23.30
CA GLU E 130 -14.92 27.08 -23.38
C GLU E 130 -15.28 25.64 -23.74
N ASP E 131 -14.65 25.10 -24.79
CA ASP E 131 -15.04 23.80 -25.32
C ASP E 131 -14.54 22.64 -24.48
N GLU E 132 -13.38 22.78 -23.81
CA GLU E 132 -12.71 21.64 -23.19
C GLU E 132 -12.73 21.64 -21.67
N TYR E 133 -13.07 22.76 -21.01
CA TYR E 133 -12.91 22.86 -19.56
C TYR E 133 -14.13 23.43 -18.84
N LEU E 134 -14.63 24.58 -19.29
CA LEU E 134 -15.70 25.25 -18.55
C LEU E 134 -16.98 24.44 -18.53
N GLU E 135 -17.37 23.84 -19.67
CA GLU E 135 -18.58 23.02 -19.71
C GLU E 135 -18.45 21.84 -18.77
N GLU E 136 -17.26 21.26 -18.68
CA GLU E 136 -17.06 20.07 -17.88
C GLU E 136 -17.02 20.40 -16.39
N GLN E 137 -16.50 21.59 -16.03
CA GLN E 137 -16.57 22.01 -14.63
C GLN E 137 -18.01 22.19 -14.17
N VAL E 138 -18.84 22.82 -15.01
CA VAL E 138 -20.23 23.10 -14.63
C VAL E 138 -21.01 21.80 -14.45
N ASP E 139 -20.78 20.83 -15.35
CA ASP E 139 -21.48 19.54 -15.25
C ASP E 139 -21.07 18.78 -13.99
N SER E 140 -19.78 18.78 -13.68
CA SER E 140 -19.34 18.03 -12.52
C SER E 140 -19.69 18.76 -11.22
N ILE E 141 -19.74 20.10 -11.24
CA ILE E 141 -20.24 20.82 -10.07
C ILE E 141 -21.70 20.46 -9.83
N LYS E 142 -22.49 20.37 -10.90
CA LYS E 142 -23.91 20.06 -10.77
C LYS E 142 -24.12 18.62 -10.33
N LYS E 143 -23.31 17.70 -10.86
CA LYS E 143 -23.39 16.29 -10.46
C LYS E 143 -23.09 16.11 -8.97
N ILE E 144 -22.09 16.81 -8.45
CA ILE E 144 -21.74 16.66 -7.03
C ILE E 144 -22.83 17.26 -6.16
N GLY E 145 -23.38 18.41 -6.58
CA GLY E 145 -24.51 18.99 -5.87
C GLY E 145 -25.70 18.04 -5.76
N ASP E 146 -26.08 17.43 -6.90
CA ASP E 146 -27.14 16.42 -6.88
C ASP E 146 -26.83 15.31 -5.88
N MET E 147 -25.59 14.80 -5.90
CA MET E 147 -25.23 13.67 -5.04
C MET E 147 -25.31 14.04 -3.57
N ILE E 148 -24.90 15.25 -3.21
CA ILE E 148 -25.00 15.71 -1.83
C ILE E 148 -26.46 15.72 -1.39
N THR E 149 -27.35 16.25 -2.24
CA THR E 149 -28.76 16.28 -1.92
C THR E 149 -29.33 14.87 -1.76
N LYS E 150 -28.99 13.95 -2.65
CA LYS E 150 -29.51 12.58 -2.56
C LYS E 150 -28.97 11.87 -1.31
N LEU E 151 -27.69 12.04 -1.02
CA LEU E 151 -27.10 11.38 0.14
C LEU E 151 -27.71 11.90 1.44
N LYS E 152 -27.98 13.22 1.51
CA LYS E 152 -28.63 13.80 2.67
C LYS E 152 -30.05 13.31 2.86
N ARG E 153 -30.75 13.02 1.76
CA ARG E 153 -32.10 12.50 1.88
C ARG E 153 -32.07 11.04 2.32
N ALA E 154 -31.25 10.22 1.66
CA ALA E 154 -31.12 8.81 2.03
C ALA E 154 -30.56 8.65 3.44
N GLY E 155 -29.52 9.42 3.75
CA GLY E 155 -28.76 9.23 4.96
C GLY E 155 -28.70 10.48 5.79
N PRO E 156 -27.49 11.08 5.92
CA PRO E 156 -26.27 10.70 5.21
C PRO E 156 -25.39 9.64 5.88
N THR E 157 -25.89 8.94 6.90
CA THR E 157 -25.09 7.90 7.56
C THR E 157 -25.89 6.60 7.66
N GLY E 158 -25.21 5.55 8.12
CA GLY E 158 -25.89 4.29 8.37
C GLY E 158 -26.42 3.66 7.09
N LEU E 159 -27.65 3.15 7.17
CA LEU E 159 -28.23 2.40 6.06
C LEU E 159 -28.41 3.27 4.82
N GLY E 160 -28.71 4.56 4.99
CA GLY E 160 -28.82 5.45 3.83
C GLY E 160 -27.51 5.61 3.07
N GLU E 161 -26.41 5.80 3.80
CA GLU E 161 -25.10 5.85 3.15
C GLU E 161 -24.78 4.53 2.45
N TYR E 162 -25.15 3.41 3.07
CA TYR E 162 -24.87 2.12 2.46
C TYR E 162 -25.63 1.95 1.15
N MET E 163 -26.90 2.38 1.10
CA MET E 163 -27.68 2.28 -0.13
C MET E 163 -27.22 3.30 -1.17
N PHE E 164 -26.97 4.54 -0.76
CA PHE E 164 -26.43 5.52 -1.71
C PHE E 164 -25.16 5.01 -2.36
N ASP E 165 -24.25 4.43 -1.55
CA ASP E 165 -23.00 3.88 -2.09
C ASP E 165 -23.26 2.80 -3.13
N LYS E 166 -24.25 1.92 -2.89
CA LYS E 166 -24.52 0.84 -3.83
C LYS E 166 -25.02 1.36 -5.17
N GLU E 167 -25.70 2.50 -5.18
CA GLU E 167 -26.14 3.04 -6.46
C GLU E 167 -25.03 3.76 -7.21
N LEU E 168 -24.00 4.25 -6.51
CA LEU E 168 -22.86 4.83 -7.19
C LEU E 168 -22.04 3.76 -7.91
N ASN E 169 -21.97 2.57 -7.34
CA ASN E 169 -21.14 1.49 -7.85
C ASN E 169 -21.53 1.09 -9.27
N ALA F 1 -6.33 -1.92 16.68
CA ALA F 1 -6.41 -1.11 15.48
C ALA F 1 -7.12 -1.88 14.36
N SER F 2 -6.34 -2.44 13.44
CA SER F 2 -6.89 -3.00 12.22
C SER F 2 -7.41 -4.41 12.43
N GLN F 3 -8.65 -4.65 11.97
CA GLN F 3 -9.23 -5.97 12.06
C GLN F 3 -8.63 -6.96 11.05
N VAL F 4 -7.91 -6.49 10.02
CA VAL F 4 -7.30 -7.42 9.06
C VAL F 4 -5.80 -7.59 9.25
N ARG F 5 -5.13 -6.71 9.99
CA ARG F 5 -3.67 -6.69 10.01
C ARG F 5 -3.10 -7.92 10.70
N GLN F 6 -2.13 -8.57 10.06
CA GLN F 6 -1.52 -9.79 10.59
C GLN F 6 -0.14 -9.95 9.98
N ASN F 7 0.90 -10.03 10.84
CA ASN F 7 2.28 -10.22 10.38
C ASN F 7 2.74 -9.09 9.45
N TYR F 8 2.26 -7.87 9.67
CA TYR F 8 2.62 -6.72 8.85
C TYR F 8 3.42 -5.76 9.72
N HIS F 9 4.74 -5.72 9.52
CA HIS F 9 5.60 -4.92 10.37
C HIS F 9 5.52 -3.45 9.96
N GLU F 10 5.66 -2.56 10.94
CA GLU F 10 5.57 -1.12 10.67
C GLU F 10 6.71 -0.64 9.76
N ASP F 11 7.86 -1.31 9.80
CA ASP F 11 8.95 -1.02 8.86
C ASP F 11 8.46 -1.14 7.42
N ALA F 12 7.81 -2.26 7.11
CA ALA F 12 7.29 -2.47 5.77
C ALA F 12 6.26 -1.42 5.40
N GLU F 13 5.36 -1.09 6.34
CA GLU F 13 4.31 -0.11 6.06
C GLU F 13 4.89 1.25 5.70
N ALA F 14 5.92 1.68 6.41
CA ALA F 14 6.56 2.97 6.09
C ALA F 14 7.34 2.90 4.79
N SER F 15 7.95 1.75 4.48
CA SER F 15 8.73 1.64 3.24
C SER F 15 7.81 1.61 2.02
N ILE F 16 6.63 0.97 2.16
CA ILE F 16 5.64 1.00 1.09
C ILE F 16 5.24 2.44 0.76
N ASN F 17 4.96 3.23 1.80
CA ASN F 17 4.60 4.63 1.57
C ASN F 17 5.73 5.39 0.87
N LYS F 18 6.99 5.14 1.25
CA LYS F 18 8.07 5.85 0.55
C LYS F 18 8.17 5.39 -0.90
N GLN F 19 7.99 4.09 -1.15
CA GLN F 19 8.05 3.55 -2.50
C GLN F 19 6.88 4.05 -3.36
N ILE F 20 5.70 4.25 -2.78
CA ILE F 20 4.62 4.90 -3.51
C ILE F 20 5.06 6.27 -4.03
N ASN F 21 5.63 7.08 -3.12
CA ASN F 21 6.08 8.40 -3.52
C ASN F 21 7.16 8.33 -4.60
N MET F 22 8.02 7.31 -4.54
CA MET F 22 9.10 7.21 -5.51
C MET F 22 8.58 6.87 -6.91
N CYS F 23 7.63 5.94 -7.00
CA CYS F 23 7.07 5.63 -8.31
C CYS F 23 6.21 6.77 -8.86
N LEU F 24 5.54 7.53 -7.99
CA LEU F 24 4.82 8.70 -8.50
C LEU F 24 5.79 9.74 -9.04
N TYR F 25 6.93 9.92 -8.36
CA TYR F 25 7.94 10.83 -8.87
C TYR F 25 8.51 10.35 -10.21
N ALA F 26 8.84 9.05 -10.31
CA ALA F 26 9.29 8.49 -11.58
C ALA F 26 8.27 8.73 -12.67
N SER F 27 6.98 8.55 -12.36
CA SER F 27 5.94 8.76 -13.34
C SER F 27 5.91 10.21 -13.80
N TYR F 28 6.20 11.13 -12.88
CA TYR F 28 6.22 12.55 -13.19
C TYR F 28 7.41 12.91 -14.06
N VAL F 29 8.57 12.31 -13.78
CA VAL F 29 9.76 12.54 -14.59
C VAL F 29 9.53 12.07 -16.02
N TYR F 30 8.95 10.88 -16.18
CA TYR F 30 8.69 10.36 -17.52
C TYR F 30 7.69 11.22 -18.26
N LEU F 31 6.68 11.74 -17.54
CA LEU F 31 5.71 12.62 -18.18
C LEU F 31 6.39 13.87 -18.71
N SER F 32 7.34 14.42 -17.95
CA SER F 32 8.11 15.55 -18.40
C SER F 32 8.89 15.22 -19.67
N MET F 33 9.57 14.07 -19.66
CA MET F 33 10.29 13.61 -20.85
C MET F 33 9.36 13.49 -22.05
N ALA F 34 8.21 12.83 -21.86
CA ALA F 34 7.29 12.59 -22.96
C ALA F 34 6.89 13.90 -23.65
N TYR F 35 6.53 14.91 -22.86
CA TYR F 35 6.05 16.14 -23.50
C TYR F 35 7.19 17.00 -23.98
N TYR F 36 8.40 16.83 -23.43
CA TYR F 36 9.56 17.47 -24.01
C TYR F 36 9.79 17.00 -25.44
N PHE F 37 9.61 15.70 -25.68
CA PHE F 37 9.88 15.14 -26.99
C PHE F 37 8.76 15.40 -27.98
N GLU F 38 7.63 15.96 -27.52
CA GLU F 38 6.55 16.43 -28.39
C GLU F 38 6.68 17.89 -28.77
N ARG F 39 7.71 18.57 -28.29
CA ARG F 39 7.91 19.97 -28.64
C ARG F 39 8.17 20.11 -30.13
N ASP F 40 7.67 21.22 -30.68
CA ASP F 40 7.82 21.47 -32.11
C ASP F 40 9.28 21.55 -32.53
N ASP F 41 10.18 21.96 -31.64
CA ASP F 41 11.60 22.05 -31.97
C ASP F 41 12.39 20.84 -31.51
N VAL F 42 11.71 19.75 -31.14
CA VAL F 42 12.36 18.47 -30.85
C VAL F 42 11.77 17.41 -31.78
N ALA F 43 10.45 17.17 -31.67
CA ALA F 43 9.68 16.38 -32.64
C ALA F 43 10.26 14.97 -32.83
N LEU F 44 10.36 14.24 -31.72
CA LEU F 44 10.75 12.83 -31.72
C LEU F 44 9.56 12.03 -31.20
N PRO F 45 8.61 11.68 -32.08
CA PRO F 45 7.37 11.04 -31.60
C PRO F 45 7.57 9.66 -30.99
N GLY F 46 8.56 8.89 -31.44
CA GLY F 46 8.80 7.58 -30.84
C GLY F 46 9.29 7.69 -29.40
N PHE F 47 10.28 8.54 -29.17
CA PHE F 47 10.70 8.79 -27.79
C PHE F 47 9.54 9.26 -26.94
N ALA F 48 8.70 10.15 -27.47
CA ALA F 48 7.59 10.68 -26.69
C ALA F 48 6.65 9.56 -26.29
N LYS F 49 6.33 8.66 -27.22
CA LYS F 49 5.45 7.55 -26.90
C LYS F 49 6.11 6.59 -25.90
N PHE F 50 7.39 6.29 -26.08
CA PHE F 50 8.06 5.38 -25.15
C PHE F 50 8.01 5.92 -23.72
N PHE F 51 8.27 7.22 -23.54
CA PHE F 51 8.28 7.77 -22.18
C PHE F 51 6.87 7.94 -21.62
N LYS F 52 5.88 8.21 -22.46
CA LYS F 52 4.52 8.30 -21.96
C LYS F 52 4.04 6.94 -21.46
N GLU F 53 4.36 5.88 -22.19
CA GLU F 53 4.10 4.53 -21.69
C GLU F 53 4.80 4.30 -20.35
N SER F 54 6.09 4.64 -20.24
CA SER F 54 6.80 4.48 -18.98
C SER F 54 6.16 5.30 -17.86
N SER F 55 5.60 6.46 -18.17
CA SER F 55 4.93 7.25 -17.14
C SER F 55 3.70 6.53 -16.62
N ASP F 56 2.92 5.92 -17.51
CA ASP F 56 1.75 5.14 -17.11
C ASP F 56 2.13 3.94 -16.28
N CYS F 57 3.24 3.27 -16.64
CA CYS F 57 3.63 2.07 -15.94
C CYS F 57 4.00 2.39 -14.49
N CYS F 58 4.74 3.48 -14.26
CA CYS F 58 5.08 3.88 -12.91
C CYS F 58 3.86 4.32 -12.10
N ARG F 59 2.88 4.96 -12.74
CA ARG F 59 1.67 5.29 -11.99
C ARG F 59 0.95 4.02 -11.53
N GLU F 60 0.89 3.00 -12.38
CA GLU F 60 0.26 1.74 -11.97
C GLU F 60 1.04 1.09 -10.83
N HIS F 61 2.38 1.08 -10.91
CA HIS F 61 3.21 0.64 -9.78
C HIS F 61 2.80 1.31 -8.48
N ALA F 62 2.62 2.63 -8.50
CA ALA F 62 2.24 3.32 -7.28
C ALA F 62 0.87 2.87 -6.81
N GLN F 63 -0.04 2.62 -7.76
CA GLN F 63 -1.41 2.28 -7.40
C GLN F 63 -1.50 0.86 -6.84
N THR F 64 -0.76 -0.07 -7.43
CA THR F 64 -0.66 -1.42 -6.89
C THR F 64 -0.14 -1.41 -5.45
N PHE F 65 0.84 -0.55 -5.17
CA PHE F 65 1.34 -0.42 -3.80
C PHE F 65 0.28 0.15 -2.87
N MET F 66 -0.48 1.14 -3.31
CA MET F 66 -1.52 1.68 -2.43
C MET F 66 -2.56 0.62 -2.11
N LYS F 67 -2.93 -0.20 -3.10
CA LYS F 67 -3.87 -1.30 -2.88
C LYS F 67 -3.30 -2.32 -1.90
N TYR F 68 -2.02 -2.65 -2.05
CA TYR F 68 -1.38 -3.57 -1.10
C TYR F 68 -1.47 -3.04 0.32
N GLN F 69 -1.12 -1.76 0.50
CA GLN F 69 -1.21 -1.14 1.82
C GLN F 69 -2.60 -1.34 2.43
N ASN F 70 -3.66 -1.11 1.65
CA ASN F 70 -5.01 -1.34 2.17
C ASN F 70 -5.26 -2.81 2.44
N LYS F 71 -4.76 -3.69 1.57
CA LYS F 71 -5.01 -5.13 1.70
C LYS F 71 -4.41 -5.69 3.00
N ARG F 72 -3.23 -5.21 3.38
CA ARG F 72 -2.56 -5.69 4.60
C ARG F 72 -3.02 -4.94 5.85
N GLY F 73 -3.85 -3.91 5.71
CA GLY F 73 -4.31 -3.16 6.85
C GLY F 73 -3.40 -2.05 7.31
N GLY F 74 -2.51 -1.55 6.45
CA GLY F 74 -1.77 -0.35 6.76
C GLY F 74 -2.48 0.93 6.28
N ARG F 75 -1.90 2.07 6.62
CA ARG F 75 -2.45 3.36 6.21
C ARG F 75 -1.58 4.00 5.13
N ILE F 76 -2.21 4.41 4.03
CA ILE F 76 -1.53 5.19 3.01
C ILE F 76 -1.32 6.61 3.52
N VAL F 77 -0.08 7.08 3.46
CA VAL F 77 0.25 8.48 3.73
C VAL F 77 0.93 9.02 2.48
N LEU F 78 0.23 9.89 1.76
CA LEU F 78 0.77 10.48 0.55
C LEU F 78 1.65 11.67 0.90
N GLN F 79 2.73 11.82 0.14
CA GLN F 79 3.67 12.92 0.31
C GLN F 79 3.72 13.72 -0.98
N GLN F 80 4.15 14.97 -0.86
CA GLN F 80 4.39 15.80 -2.02
C GLN F 80 5.22 15.08 -3.07
N ILE F 81 4.88 15.31 -4.34
CA ILE F 81 5.66 14.82 -5.47
C ILE F 81 6.54 15.96 -5.96
N ALA F 82 7.84 15.76 -5.93
CA ALA F 82 8.78 16.81 -6.31
C ALA F 82 8.68 17.08 -7.82
N ALA F 83 9.00 18.32 -8.19
CA ALA F 83 9.12 18.63 -9.61
C ALA F 83 10.31 17.86 -10.19
N PRO F 84 10.24 17.41 -11.44
CA PRO F 84 11.41 16.80 -12.07
C PRO F 84 12.63 17.71 -11.94
N SER F 85 13.78 17.09 -11.67
CA SER F 85 15.02 17.84 -11.41
C SER F 85 15.38 18.75 -12.58
N MET F 86 15.32 18.22 -13.79
CA MET F 86 15.49 19.03 -14.98
C MET F 86 14.30 18.80 -15.89
N GLN F 87 14.11 19.71 -16.85
CA GLN F 87 12.94 19.61 -17.72
C GLN F 87 13.24 19.86 -19.19
N GLU F 88 14.49 20.13 -19.55
CA GLU F 88 14.97 20.05 -20.93
C GLU F 88 15.90 18.86 -20.97
N TRP F 89 15.50 17.83 -21.68
CA TRP F 89 16.16 16.54 -21.54
C TRP F 89 17.25 16.29 -22.58
N GLY F 90 17.59 17.29 -23.38
CA GLY F 90 18.72 17.11 -24.31
C GLY F 90 18.39 16.16 -25.44
N THR F 91 19.33 15.28 -25.77
CA THR F 91 19.17 14.38 -26.90
C THR F 91 18.33 13.17 -26.51
N GLY F 92 17.95 12.39 -27.51
CA GLY F 92 17.29 11.13 -27.24
C GLY F 92 18.18 10.20 -26.43
N LEU F 93 19.49 10.23 -26.71
CA LEU F 93 20.43 9.38 -25.99
C LEU F 93 20.51 9.76 -24.51
N GLU F 94 20.55 11.07 -24.22
CA GLU F 94 20.69 11.53 -22.84
C GLU F 94 19.45 11.22 -22.01
N ALA F 95 18.26 11.30 -22.61
CA ALA F 95 17.06 10.92 -21.89
C ALA F 95 17.04 9.43 -21.57
N LEU F 96 17.44 8.58 -22.54
CA LEU F 96 17.54 7.15 -22.28
C LEU F 96 18.54 6.87 -21.17
N GLN F 97 19.67 7.58 -21.17
CA GLN F 97 20.67 7.37 -20.12
C GLN F 97 20.15 7.82 -18.76
N ALA F 98 19.40 8.92 -18.71
CA ALA F 98 18.76 9.32 -17.45
C ALA F 98 17.72 8.30 -17.02
N ALA F 99 17.00 7.70 -17.96
CA ALA F 99 15.97 6.71 -17.61
C ALA F 99 16.60 5.40 -17.13
N LEU F 100 17.73 5.02 -17.72
CA LEU F 100 18.46 3.85 -17.23
C LEU F 100 18.87 4.05 -15.77
N ASP F 101 19.43 5.21 -15.45
CA ASP F 101 19.84 5.49 -14.08
C ASP F 101 18.65 5.48 -13.14
N LEU F 102 17.52 6.05 -13.57
CA LEU F 102 16.30 6.06 -12.77
C LEU F 102 15.80 4.65 -12.48
N GLU F 103 15.75 3.79 -13.51
CA GLU F 103 15.25 2.43 -13.29
C GLU F 103 16.19 1.63 -12.39
N LYS F 104 17.49 1.91 -12.45
CA LYS F 104 18.43 1.24 -11.54
C LYS F 104 18.24 1.70 -10.10
N GLN F 105 17.97 2.99 -9.89
CA GLN F 105 17.63 3.50 -8.55
C GLN F 105 16.36 2.86 -8.01
N VAL F 106 15.33 2.77 -8.85
CA VAL F 106 14.09 2.13 -8.40
C VAL F 106 14.36 0.69 -8.03
N ASN F 107 15.15 -0.01 -8.84
CA ASN F 107 15.48 -1.41 -8.57
C ASN F 107 16.18 -1.57 -7.23
N GLN F 108 17.21 -0.75 -6.97
CA GLN F 108 17.93 -0.84 -5.70
C GLN F 108 17.00 -0.62 -4.51
N SER F 109 16.04 0.30 -4.64
CA SER F 109 15.15 0.55 -3.53
C SER F 109 14.19 -0.62 -3.31
N LEU F 110 13.73 -1.28 -4.38
CA LEU F 110 12.90 -2.47 -4.23
C LEU F 110 13.67 -3.61 -3.59
N LEU F 111 14.97 -3.75 -3.90
CA LEU F 111 15.76 -4.81 -3.30
C LEU F 111 15.98 -4.57 -1.81
N GLU F 112 16.16 -3.30 -1.43
CA GLU F 112 16.17 -2.95 0.00
C GLU F 112 14.84 -3.30 0.66
N LEU F 113 13.73 -2.97 -0.01
CA LEU F 113 12.43 -3.34 0.52
C LEU F 113 12.32 -4.85 0.68
N HIS F 114 12.77 -5.61 -0.33
CA HIS F 114 12.69 -7.06 -0.25
C HIS F 114 13.50 -7.57 0.93
N SER F 115 14.71 -7.05 1.10
CA SER F 115 15.57 -7.51 2.17
C SER F 115 14.96 -7.20 3.54
N THR F 116 14.30 -6.03 3.65
CA THR F 116 13.57 -5.69 4.87
C THR F 116 12.47 -6.71 5.16
N ALA F 117 11.61 -6.98 4.15
CA ALA F 117 10.53 -7.94 4.32
C ALA F 117 11.06 -9.32 4.68
N SER F 118 12.21 -9.70 4.12
CA SER F 118 12.82 -10.98 4.45
C SER F 118 13.20 -11.05 5.92
N GLY F 119 13.87 -10.01 6.43
CA GLY F 119 14.31 -10.01 7.82
C GLY F 119 13.17 -10.06 8.81
N ASN F 120 12.02 -9.51 8.46
CA ASN F 120 10.83 -9.59 9.32
C ASN F 120 9.98 -10.84 9.06
N ASN F 121 10.42 -11.73 8.18
CA ASN F 121 9.68 -12.93 7.77
C ASN F 121 8.26 -12.59 7.31
N ASP F 122 8.17 -11.74 6.26
CA ASP F 122 6.90 -11.41 5.62
C ASP F 122 6.86 -12.04 4.23
N PRO F 123 6.56 -13.33 4.11
CA PRO F 123 6.57 -13.95 2.78
C PRO F 123 5.50 -13.40 1.85
N HIS F 124 4.38 -12.88 2.37
CA HIS F 124 3.40 -12.27 1.47
C HIS F 124 4.01 -11.06 0.76
N LEU F 125 4.83 -10.28 1.47
CA LEU F 125 5.40 -9.09 0.86
C LEU F 125 6.57 -9.45 -0.07
N THR F 126 7.42 -10.41 0.29
CA THR F 126 8.50 -10.79 -0.64
C THR F 126 7.92 -11.35 -1.95
N LYS F 127 6.82 -12.10 -1.85
CA LYS F 127 6.15 -12.62 -3.05
C LYS F 127 5.68 -11.49 -3.97
N LEU F 128 5.00 -10.48 -3.38
CA LEU F 128 4.54 -9.32 -4.15
C LEU F 128 5.69 -8.63 -4.88
N LEU F 129 6.79 -8.33 -4.18
CA LEU F 129 7.90 -7.64 -4.81
C LEU F 129 8.52 -8.50 -5.91
N GLU F 130 8.60 -9.81 -5.69
CA GLU F 130 9.14 -10.69 -6.71
C GLU F 130 8.24 -10.74 -7.93
N ASP F 131 6.94 -10.97 -7.73
CA ASP F 131 6.04 -11.21 -8.87
C ASP F 131 5.66 -9.95 -9.62
N GLU F 132 5.55 -8.80 -8.93
CA GLU F 132 4.96 -7.60 -9.50
C GLU F 132 5.97 -6.47 -9.74
N TYR F 133 7.19 -6.57 -9.23
CA TYR F 133 8.10 -5.43 -9.33
C TYR F 133 9.49 -5.82 -9.82
N LEU F 134 10.13 -6.78 -9.15
CA LEU F 134 11.53 -7.10 -9.48
C LEU F 134 11.67 -7.58 -10.90
N GLU F 135 10.78 -8.47 -11.35
CA GLU F 135 10.87 -8.95 -12.73
C GLU F 135 10.71 -7.82 -13.73
N GLU F 136 9.69 -6.97 -13.56
CA GLU F 136 9.49 -5.87 -14.51
C GLU F 136 10.68 -4.91 -14.50
N GLN F 137 11.24 -4.63 -13.32
CA GLN F 137 12.40 -3.74 -13.24
C GLN F 137 13.56 -4.28 -14.07
N VAL F 138 13.85 -5.57 -13.95
CA VAL F 138 14.99 -6.15 -14.67
C VAL F 138 14.75 -6.14 -16.17
N ASP F 139 13.51 -6.35 -16.60
CA ASP F 139 13.23 -6.31 -18.04
C ASP F 139 13.32 -4.90 -18.60
N SER F 140 12.83 -3.90 -17.86
CA SER F 140 12.93 -2.55 -18.39
C SER F 140 14.39 -2.06 -18.41
N ILE F 141 15.21 -2.46 -17.43
CA ILE F 141 16.62 -2.08 -17.49
C ILE F 141 17.27 -2.70 -18.73
N LYS F 142 16.98 -3.98 -18.99
CA LYS F 142 17.54 -4.64 -20.18
C LYS F 142 17.03 -4.00 -21.46
N LYS F 143 15.74 -3.65 -21.50
CA LYS F 143 15.14 -2.96 -22.64
C LYS F 143 15.86 -1.65 -22.94
N ILE F 144 16.02 -0.81 -21.91
CA ILE F 144 16.66 0.49 -22.13
C ILE F 144 18.11 0.30 -22.56
N GLY F 145 18.80 -0.68 -21.94
CA GLY F 145 20.17 -0.98 -22.33
C GLY F 145 20.28 -1.33 -23.80
N ASP F 146 19.39 -2.23 -24.27
CA ASP F 146 19.32 -2.57 -25.69
C ASP F 146 19.14 -1.33 -26.55
N MET F 147 18.20 -0.45 -26.16
CA MET F 147 17.90 0.74 -26.95
C MET F 147 19.11 1.66 -27.06
N ILE F 148 19.83 1.85 -25.95
CA ILE F 148 21.01 2.70 -25.96
C ILE F 148 22.06 2.17 -26.94
N THR F 149 22.28 0.84 -26.93
CA THR F 149 23.21 0.25 -27.87
C THR F 149 22.75 0.47 -29.31
N LYS F 150 21.48 0.21 -29.58
CA LYS F 150 20.98 0.38 -30.94
C LYS F 150 21.07 1.83 -31.38
N LEU F 151 20.77 2.77 -30.48
CA LEU F 151 20.82 4.19 -30.84
C LEU F 151 22.25 4.65 -31.09
N LYS F 152 23.22 4.16 -30.31
CA LYS F 152 24.61 4.52 -30.59
C LYS F 152 25.06 3.96 -31.93
N ARG F 153 24.59 2.77 -32.30
CA ARG F 153 24.93 2.20 -33.60
C ARG F 153 24.32 3.03 -34.73
N ALA F 154 23.00 3.26 -34.67
CA ALA F 154 22.34 3.96 -35.75
C ALA F 154 22.78 5.42 -35.80
N GLY F 155 22.95 6.05 -34.65
CA GLY F 155 23.21 7.47 -34.58
C GLY F 155 24.52 7.75 -33.87
N PRO F 156 24.46 8.39 -32.67
CA PRO F 156 23.23 8.72 -31.93
C PRO F 156 22.48 10.01 -32.31
N THR F 157 22.89 10.73 -33.35
CA THR F 157 22.14 11.91 -33.80
C THR F 157 21.83 11.87 -35.29
N GLY F 158 21.24 12.95 -35.81
CA GLY F 158 20.98 13.09 -37.23
C GLY F 158 20.03 12.04 -37.79
N LEU F 159 20.35 11.58 -39.00
CA LEU F 159 19.51 10.60 -39.68
C LEU F 159 19.38 9.31 -38.88
N GLY F 160 20.43 8.91 -38.15
CA GLY F 160 20.34 7.71 -37.33
C GLY F 160 19.33 7.84 -36.21
N GLU F 161 19.35 8.97 -35.50
CA GLU F 161 18.35 9.24 -34.48
C GLU F 161 16.96 9.29 -35.07
N TYR F 162 16.82 9.91 -36.25
CA TYR F 162 15.53 9.97 -36.94
C TYR F 162 15.01 8.58 -37.27
N MET F 163 15.89 7.70 -37.78
CA MET F 163 15.50 6.33 -38.11
C MET F 163 15.17 5.53 -36.86
N PHE F 164 16.02 5.62 -35.83
CA PHE F 164 15.74 4.93 -34.57
C PHE F 164 14.40 5.35 -33.99
N ASP F 165 14.09 6.66 -34.06
CA ASP F 165 12.80 7.16 -33.56
C ASP F 165 11.63 6.49 -34.27
N LYS F 166 11.74 6.30 -35.58
CA LYS F 166 10.66 5.66 -36.32
C LYS F 166 10.43 4.22 -35.87
N GLU F 167 11.49 3.53 -35.41
CA GLU F 167 11.30 2.17 -34.92
C GLU F 167 10.56 2.15 -33.57
N LEU F 168 10.75 3.15 -32.72
CA LEU F 168 10.00 3.22 -31.47
C LEU F 168 8.54 3.57 -31.68
N ASN F 169 8.21 4.19 -32.81
CA ASN F 169 6.89 4.74 -33.03
C ASN F 169 5.84 3.66 -33.12
CD CD G . 17.59 12.95 17.18
CD CD H . 17.94 17.00 23.61
CD CD I . 21.10 17.88 22.30
CD CD J . 16.91 14.79 20.02
S H2S K . 19.86 18.57 24.84
S H2S L . 16.28 12.13 19.26
S H2S M . 15.52 16.38 22.67
S H2S N . 20.99 20.39 21.89
S H2S O . 16.43 19.33 23.72
S H2S P . 18.16 13.54 22.73
MG MG Q . 32.28 -3.75 3.91
S SO4 R . 14.89 20.96 9.85
O1 SO4 R . 15.94 20.55 10.79
O2 SO4 R . 14.83 20.04 8.71
O3 SO4 R . 13.60 20.92 10.52
O4 SO4 R . 15.18 22.30 9.39
S SO4 S . 33.44 5.28 26.31
O1 SO4 S . 34.25 5.90 27.37
O2 SO4 S . 33.84 5.80 25.01
O3 SO4 S . 33.60 3.81 26.33
O4 SO4 S . 32.05 5.63 26.58
CD CD T . -8.80 -23.31 4.14
CD CD U . -12.15 -18.35 -0.77
CD CD V . -10.97 -20.48 -3.19
CD CD W . -12.37 -20.41 2.77
S H2S X . -8.91 -20.78 4.69
S H2S Y . -12.38 -17.84 -3.72
S H2S Z . -9.17 -18.50 1.91
S H2S AA . -12.43 -18.45 1.44
S H2S BA . -12.70 -22.55 -4.55
S SO4 CA . -16.40 -31.42 4.38
O1 SO4 CA . -16.73 -30.19 5.11
O2 SO4 CA . -16.22 -31.09 2.96
O3 SO4 CA . -15.16 -32.01 4.91
O4 SO4 CA . -17.52 -32.32 4.58
CD CD DA . 15.83 31.06 1.25
CD CD EA . 22.16 34.88 3.18
CD CD FA . 20.35 35.65 6.11
CD CD GA . 19.70 32.02 1.55
S H2S HA . 23.49 36.68 5.55
S H2S IA . 19.36 34.74 0.32
S H2S JA . 17.16 32.29 -0.48
S H2S KA . 22.33 32.88 1.19
S H2S LA . 24.40 33.60 4.50
S H2S MA . 21.50 34.59 8.28
MG MG NA . -9.73 34.71 1.04
S SO4 OA . 17.20 21.92 7.05
O1 SO4 OA . 17.40 21.16 8.27
O2 SO4 OA . 18.40 21.77 6.21
O3 SO4 OA . 16.04 21.43 6.30
O4 SO4 OA . 17.04 23.33 7.40
CD CD PA . -23.56 -42.06 0.75
CD CD QA . -22.76 -42.89 -6.70
CD CD RA . -24.67 -40.08 -7.02
CD CD SA . -21.87 -42.85 -2.79
S H2S TA . -23.63 -41.95 -9.10
S H2S UA . -23.41 -38.00 -8.26
S H2S VA . -21.22 -44.20 -5.20
S H2S WA . -23.33 -43.85 -0.52
S H2S XA . -20.74 -42.05 -7.95
S H2S YA . -26.08 -41.85 -5.79
S H2S ZA . -23.95 -44.85 -3.58
MG MG AB . -11.17 -41.53 14.47
MG MG BB . -41.87 -36.49 18.21
S SO4 CB . -15.60 -34.51 2.82
O1 SO4 CB . -15.79 -35.27 4.06
O2 SO4 CB . -16.79 -33.71 2.57
O3 SO4 CB . -15.44 -35.40 1.67
O4 SO4 CB . -14.41 -33.67 2.90
CD CD DB . -9.38 19.17 -13.29
CD CD EB . -15.26 14.31 -14.82
CD CD FB . -13.45 13.95 -17.93
CD CD GB . -12.24 15.79 -12.28
S H2S HB . -11.33 19.68 -12.45
S H2S IB . -15.36 11.66 -13.82
S H2S JB . -15.06 14.94 -11.87
S H2S KB . -14.47 16.15 -18.52
S H2S LB . -14.93 17.55 -14.53
S H2S MB . -13.12 11.13 -17.85
MG MG NB . 4.08 38.30 -24.38
S SO4 OB . -1.60 11.84 -10.47
O1 SO4 OB . -2.44 11.63 -9.29
O2 SO4 OB . -2.43 12.09 -11.64
O3 SO4 OB . -0.72 13.00 -10.23
O4 SO4 OB . -0.82 10.62 -10.62
CD CD PB . 8.00 2.55 -11.05
CD CD QB . 7.40 -0.69 -17.91
CD CD RB . 4.27 -1.96 -16.48
CD CD SB . 8.24 2.36 -15.50
S H2S TB . 5.53 -2.14 -18.43
S H2S UB . 10.38 1.95 -12.18
S H2S VB . 9.57 -0.39 -15.17
S H2S WB . 6.60 0.40 -20.21
S H2S XB . 9.45 1.53 -17.91
MG MG YB . 0.95 -6.96 12.34
S SO4 ZB . 1.39 11.41 -12.33
O1 SO4 ZB . 1.69 11.75 -10.93
O2 SO4 ZB . 1.24 9.96 -12.46
O3 SO4 ZB . 0.16 12.04 -12.78
O4 SO4 ZB . 2.48 11.89 -13.17
#